data_8GST
#
_entry.id   8GST
#
_cell.length_a   64.254
_cell.length_b   66.228
_cell.length_c   75.256
_cell.angle_alpha   90.270
_cell.angle_beta   91.430
_cell.angle_gamma   105.200
#
_symmetry.space_group_name_H-M   'P 1'
#
loop_
_entity.id
_entity.type
_entity.pdbx_description
1 polymer 'L-2,4-diketo-3-deoxyrhamnonate hydrolase'
2 non-polymer 'MAGNESIUM ION'
3 non-polymer 'PYRUVIC ACID'
4 water water
#
_entity_poly.entity_id   1
_entity_poly.type   'polypeptide(L)'
_entity_poly.pdbx_seq_one_letter_code
;MRGSHHHHHHGSKFCRFGQRGQEKPGIIDADGNIRDLSGVVPELTIDALAAAKGADIALLPLVEGEPRYGVPVKGIGKIV
AIGLNYEDHAIESNLPIPTEPMMFMKALSSLNGPNDEVVLPKNSTHGDWEVELGVVIGETCRFVSEDEALSKVAGYVLVN
DVSERFNQKQRGTQWSKGKGHDTFCPVGPWLVTPDEVGDPQDLDVHLDVNGERMQTGNTKTMIFNVAQLISYVSEYITLY
PGDLMITGTPPGVGEGKKPQAIYLKAGDVMELGIEKLGTQRQQVSEWRHLGDEVFG
;
_entity_poly.pdbx_strand_id   A,B,C,D
#
# COMPACT_ATOMS: atom_id res chain seq x y z
N HIS A 7 -20.15 -26.03 23.12
CA HIS A 7 -19.24 -25.27 22.26
C HIS A 7 -19.73 -25.27 20.80
N HIS A 8 -20.83 -24.58 20.53
CA HIS A 8 -21.47 -24.63 19.22
C HIS A 8 -20.83 -23.65 18.25
N HIS A 9 -21.19 -23.79 16.97
CA HIS A 9 -20.62 -22.99 15.90
C HIS A 9 -21.67 -22.06 15.24
N HIS A 10 -22.62 -21.57 16.02
CA HIS A 10 -23.64 -20.67 15.48
C HIS A 10 -23.42 -19.22 15.84
N GLY A 11 -22.51 -18.94 16.77
CA GLY A 11 -22.21 -17.56 17.13
C GLY A 11 -23.15 -17.01 18.19
N SER A 12 -22.72 -15.89 18.78
CA SER A 12 -23.43 -15.27 19.89
C SER A 12 -23.32 -13.75 19.76
N LYS A 13 -24.33 -13.03 20.30
CA LYS A 13 -24.30 -11.56 20.44
C LYS A 13 -24.29 -11.26 21.94
N PHE A 14 -23.13 -10.89 22.49
CA PHE A 14 -23.01 -10.60 23.91
C PHE A 14 -23.12 -9.09 24.15
N CYS A 15 -23.56 -8.73 25.35
CA CYS A 15 -23.70 -7.32 25.70
C CYS A 15 -23.52 -7.16 27.21
N ARG A 16 -23.47 -5.91 27.65
CA ARG A 16 -23.48 -5.57 29.06
C ARG A 16 -24.53 -4.51 29.26
N PHE A 17 -25.41 -4.69 30.25
CA PHE A 17 -26.55 -3.81 30.38
C PHE A 17 -26.66 -3.28 31.81
N GLY A 18 -27.07 -2.02 31.92
CA GLY A 18 -27.23 -1.35 33.18
C GLY A 18 -26.56 0.01 33.16
N GLN A 19 -26.70 0.71 34.28
CA GLN A 19 -26.05 1.99 34.44
C GLN A 19 -24.54 1.82 34.55
N ARG A 20 -23.81 2.92 34.38
CA ARG A 20 -22.36 2.89 34.46
C ARG A 20 -21.91 2.35 35.81
N GLY A 21 -20.90 1.47 35.76
CA GLY A 21 -20.39 0.82 36.94
C GLY A 21 -21.26 -0.27 37.52
N GLN A 22 -22.46 -0.49 36.97
CA GLN A 22 -23.38 -1.51 37.48
C GLN A 22 -23.83 -2.46 36.40
N GLU A 23 -23.10 -2.53 35.29
CA GLU A 23 -23.51 -3.36 34.16
C GLU A 23 -23.49 -4.84 34.53
N LYS A 24 -24.38 -5.60 33.89
CA LYS A 24 -24.49 -7.05 34.03
C LYS A 24 -24.31 -7.71 32.67
N PRO A 25 -23.87 -8.97 32.64
CA PRO A 25 -23.65 -9.64 31.34
C PRO A 25 -24.95 -10.11 30.73
N GLY A 26 -25.06 -9.95 29.41
CA GLY A 26 -26.24 -10.37 28.69
C GLY A 26 -25.90 -10.98 27.35
N ILE A 27 -26.92 -11.62 26.76
CA ILE A 27 -26.84 -12.19 25.42
C ILE A 27 -28.15 -11.84 24.71
N ILE A 28 -28.06 -11.57 23.41
CA ILE A 28 -29.23 -11.13 22.64
C ILE A 28 -29.86 -12.36 22.00
N ASP A 29 -31.18 -12.52 22.18
CA ASP A 29 -31.83 -13.66 21.58
C ASP A 29 -32.33 -13.31 20.17
N ALA A 30 -32.93 -14.30 19.50
CA ALA A 30 -33.34 -14.09 18.12
C ALA A 30 -34.41 -13.02 17.98
N ASP A 31 -35.14 -12.71 19.04
CA ASP A 31 -36.19 -11.70 19.01
C ASP A 31 -35.68 -10.32 19.41
N GLY A 32 -34.38 -10.19 19.62
CA GLY A 32 -33.81 -8.93 20.04
C GLY A 32 -33.91 -8.64 21.52
N ASN A 33 -34.43 -9.57 22.32
CA ASN A 33 -34.45 -9.36 23.76
C ASN A 33 -33.05 -9.57 24.36
N ILE A 34 -32.78 -8.84 25.44
CA ILE A 34 -31.60 -9.14 26.27
C ILE A 34 -31.95 -10.28 27.21
N ARG A 35 -31.09 -11.29 27.28
CA ARG A 35 -31.19 -12.35 28.27
C ARG A 35 -30.08 -12.19 29.31
N ASP A 36 -30.43 -12.33 30.58
CA ASP A 36 -29.48 -12.17 31.68
C ASP A 36 -28.55 -13.38 31.77
N LEU A 37 -27.24 -13.12 31.76
CA LEU A 37 -26.22 -14.15 31.88
C LEU A 37 -25.65 -14.27 33.30
N SER A 38 -26.18 -13.49 34.25
CA SER A 38 -25.57 -13.39 35.58
C SER A 38 -25.54 -14.73 36.30
N GLY A 39 -26.47 -15.62 35.99
CA GLY A 39 -26.44 -16.94 36.61
C GLY A 39 -25.38 -17.85 36.06
N VAL A 40 -24.82 -17.52 34.89
CA VAL A 40 -23.82 -18.35 34.23
C VAL A 40 -22.41 -17.82 34.47
N VAL A 41 -22.21 -16.52 34.23
CA VAL A 41 -20.94 -15.86 34.50
C VAL A 41 -21.21 -14.52 35.15
N PRO A 42 -20.31 -14.09 36.04
CA PRO A 42 -20.55 -12.84 36.77
C PRO A 42 -20.35 -11.58 35.94
N GLU A 43 -19.46 -11.62 34.95
CA GLU A 43 -19.17 -10.45 34.12
C GLU A 43 -18.85 -10.94 32.71
N LEU A 44 -19.06 -10.04 31.73
CA LEU A 44 -18.77 -10.34 30.34
C LEU A 44 -17.34 -9.92 30.05
N THR A 45 -16.41 -10.78 30.42
CA THR A 45 -14.99 -10.63 30.12
C THR A 45 -14.59 -11.63 29.05
N ILE A 46 -13.37 -11.48 28.53
CA ILE A 46 -12.90 -12.44 27.52
C ILE A 46 -12.80 -13.83 28.13
N ASP A 47 -12.27 -13.94 29.35
CA ASP A 47 -12.18 -15.23 30.01
C ASP A 47 -13.54 -15.87 30.23
N ALA A 48 -14.60 -15.07 30.30
CA ALA A 48 -15.95 -15.58 30.53
C ALA A 48 -16.62 -16.14 29.28
N LEU A 49 -16.02 -15.91 28.10
CA LEU A 49 -16.71 -16.23 26.85
C LEU A 49 -16.99 -17.72 26.71
N ALA A 50 -16.03 -18.56 27.11
CA ALA A 50 -16.21 -20.00 26.97
C ALA A 50 -17.51 -20.45 27.65
N ALA A 51 -17.66 -20.11 28.93
CA ALA A 51 -18.87 -20.49 29.65
C ALA A 51 -20.10 -19.80 29.06
N ALA A 52 -19.95 -18.55 28.61
CA ALA A 52 -21.09 -17.81 28.06
C ALA A 52 -21.58 -18.41 26.75
N LYS A 53 -20.66 -18.87 25.89
CA LYS A 53 -21.07 -19.41 24.59
C LYS A 53 -21.78 -20.75 24.74
N GLY A 54 -21.50 -21.49 25.81
CA GLY A 54 -22.17 -22.75 26.06
C GLY A 54 -23.49 -22.65 26.77
N ALA A 55 -23.88 -21.46 27.24
CA ALA A 55 -25.16 -21.28 27.90
C ALA A 55 -26.32 -21.50 26.93
N ASP A 56 -27.36 -22.15 27.43
CA ASP A 56 -28.58 -22.40 26.66
C ASP A 56 -29.46 -21.16 26.76
N ILE A 57 -29.64 -20.46 25.63
CA ILE A 57 -30.30 -19.16 25.65
C ILE A 57 -31.72 -19.27 26.21
N ALA A 58 -32.44 -20.34 25.85
CA ALA A 58 -33.84 -20.46 26.24
C ALA A 58 -34.03 -20.48 27.75
N LEU A 59 -33.00 -20.89 28.50
CA LEU A 59 -33.14 -21.00 29.96
C LEU A 59 -32.87 -19.69 30.68
N LEU A 60 -32.30 -18.68 29.98
CA LEU A 60 -31.89 -17.46 30.67
C LEU A 60 -33.08 -16.50 30.82
N PRO A 61 -33.11 -15.74 31.92
CA PRO A 61 -34.22 -14.80 32.14
C PRO A 61 -34.24 -13.67 31.13
N LEU A 62 -35.45 -13.27 30.75
CA LEU A 62 -35.64 -12.07 29.97
C LEU A 62 -35.36 -10.85 30.85
N VAL A 63 -34.64 -9.89 30.29
CA VAL A 63 -34.40 -8.63 30.99
C VAL A 63 -35.57 -7.70 30.70
N GLU A 64 -36.17 -7.16 31.76
CA GLU A 64 -37.33 -6.30 31.62
C GLU A 64 -36.89 -4.84 31.53
N GLY A 65 -37.77 -4.01 30.98
CA GLY A 65 -37.46 -2.63 30.75
C GLY A 65 -36.55 -2.44 29.56
N GLU A 66 -35.98 -1.24 29.48
CA GLU A 66 -35.08 -0.86 28.40
C GLU A 66 -33.81 -0.30 29.05
N PRO A 67 -32.94 -1.16 29.57
CA PRO A 67 -31.75 -0.68 30.26
C PRO A 67 -30.72 -0.10 29.29
N ARG A 68 -29.82 0.70 29.85
CA ARG A 68 -28.71 1.22 29.06
C ARG A 68 -27.79 0.08 28.66
N TYR A 69 -27.28 0.14 27.43
CA TYR A 69 -26.20 -0.73 27.01
C TYR A 69 -24.86 -0.11 27.41
N GLY A 70 -23.98 -0.90 28.01
CA GLY A 70 -22.62 -0.48 28.23
C GLY A 70 -21.71 -0.95 27.11
N VAL A 71 -20.42 -0.69 27.27
CA VAL A 71 -19.40 -1.36 26.47
C VAL A 71 -19.64 -2.86 26.59
N PRO A 72 -19.74 -3.60 25.48
CA PRO A 72 -20.22 -4.99 25.54
C PRO A 72 -19.21 -5.98 26.11
N VAL A 73 -17.95 -5.60 26.28
CA VAL A 73 -16.98 -6.45 26.94
C VAL A 73 -16.24 -5.63 27.99
N LYS A 74 -16.00 -6.24 29.14
CA LYS A 74 -15.28 -5.60 30.23
C LYS A 74 -13.80 -5.94 30.12
N GLY A 75 -12.95 -4.96 30.38
CA GLY A 75 -11.53 -5.19 30.42
C GLY A 75 -10.76 -4.89 29.15
N ILE A 76 -11.30 -4.05 28.26
CA ILE A 76 -10.54 -3.62 27.09
C ILE A 76 -9.32 -2.86 27.59
N GLY A 77 -8.12 -3.36 27.26
CA GLY A 77 -6.90 -2.80 27.80
C GLY A 77 -6.30 -1.64 27.02
N LYS A 78 -6.44 -1.67 25.70
CA LYS A 78 -5.98 -0.59 24.84
C LYS A 78 -6.73 -0.69 23.52
N ILE A 79 -6.64 0.40 22.75
CA ILE A 79 -7.37 0.55 21.50
C ILE A 79 -6.36 0.95 20.43
N VAL A 80 -6.11 0.07 19.47
CA VAL A 80 -5.25 0.38 18.32
C VAL A 80 -6.13 0.78 17.16
N ALA A 81 -5.80 1.88 16.49
CA ALA A 81 -6.64 2.44 15.44
C ALA A 81 -5.88 2.55 14.11
N ILE A 82 -6.60 2.32 13.00
CA ILE A 82 -6.03 2.40 11.66
C ILE A 82 -6.46 3.69 10.99
N GLY A 83 -5.58 4.24 10.14
CA GLY A 83 -5.92 5.39 9.33
C GLY A 83 -6.63 5.00 8.05
N LEU A 84 -6.21 5.56 6.93
CA LEU A 84 -6.86 5.32 5.65
C LEU A 84 -6.89 3.83 5.33
N ASN A 85 -8.10 3.30 5.10
CA ASN A 85 -8.19 1.84 4.90
C ASN A 85 -9.41 1.45 4.09
N TYR A 86 -10.07 2.38 3.40
CA TYR A 86 -11.13 2.03 2.45
C TYR A 86 -10.74 2.59 1.08
N GLU A 87 -10.75 1.71 0.07
CA GLU A 87 -10.31 2.13 -1.26
C GLU A 87 -11.16 3.27 -1.79
N ASP A 88 -12.48 3.22 -1.58
CA ASP A 88 -13.34 4.29 -2.03
C ASP A 88 -13.12 5.58 -1.25
N HIS A 89 -12.64 5.49 -0.01
CA HIS A 89 -12.27 6.71 0.71
C HIS A 89 -11.01 7.32 0.13
N ALA A 90 -10.03 6.47 -0.21
CA ALA A 90 -8.81 6.97 -0.84
C ALA A 90 -9.13 7.69 -2.15
N ILE A 91 -10.06 7.15 -2.94
CA ILE A 91 -10.40 7.79 -4.21
C ILE A 91 -11.11 9.12 -3.97
N GLU A 92 -12.09 9.14 -3.06
CA GLU A 92 -12.83 10.38 -2.83
C GLU A 92 -11.93 11.48 -2.27
N SER A 93 -10.92 11.11 -1.50
CA SER A 93 -9.99 12.08 -0.92
C SER A 93 -8.78 12.36 -1.79
N ASN A 94 -8.65 11.65 -2.92
CA ASN A 94 -7.45 11.64 -3.75
C ASN A 94 -6.18 11.50 -2.91
N LEU A 95 -6.13 10.40 -2.16
CA LEU A 95 -4.99 10.04 -1.34
C LEU A 95 -4.37 8.74 -1.84
N PRO A 96 -3.07 8.53 -1.67
CA PRO A 96 -2.46 7.27 -2.14
C PRO A 96 -2.95 6.06 -1.37
N ILE A 97 -3.11 4.95 -2.08
CA ILE A 97 -3.36 3.68 -1.42
C ILE A 97 -2.13 3.39 -0.57
N PRO A 98 -2.26 3.21 0.73
CA PRO A 98 -1.08 2.99 1.57
C PRO A 98 -0.39 1.67 1.26
N THR A 99 0.93 1.65 1.43
CA THR A 99 1.67 0.39 1.31
C THR A 99 1.77 -0.36 2.62
N GLU A 100 1.58 0.32 3.74
CA GLU A 100 1.41 -0.33 5.03
C GLU A 100 0.39 0.47 5.82
N PRO A 101 -0.30 -0.17 6.77
CA PRO A 101 -1.36 0.52 7.50
C PRO A 101 -0.81 1.65 8.35
N MET A 102 -1.51 2.79 8.31
CA MET A 102 -1.26 3.82 9.31
C MET A 102 -1.87 3.36 10.63
N MET A 103 -1.11 3.50 11.71
CA MET A 103 -1.57 3.13 13.05
C MET A 103 -1.42 4.31 13.98
N PHE A 104 -2.41 4.48 14.86
CA PHE A 104 -2.32 5.41 15.97
C PHE A 104 -3.05 4.77 17.14
N MET A 105 -2.90 5.34 18.31
CA MET A 105 -3.57 4.82 19.49
C MET A 105 -4.75 5.71 19.84
N LYS A 106 -5.90 5.08 20.08
CA LYS A 106 -7.09 5.75 20.58
C LYS A 106 -7.06 5.66 22.11
N ALA A 107 -6.88 6.80 22.80
CA ALA A 107 -6.70 6.73 24.25
C ALA A 107 -7.86 6.02 24.92
N LEU A 108 -7.53 5.13 25.88
CA LEU A 108 -8.54 4.25 26.46
C LEU A 108 -9.65 5.03 27.15
N SER A 109 -9.32 6.23 27.63
CA SER A 109 -10.28 7.08 28.32
C SER A 109 -11.35 7.66 27.40
N SER A 110 -11.27 7.45 26.07
CA SER A 110 -12.33 7.84 25.15
C SER A 110 -13.43 6.79 25.06
N LEU A 111 -13.16 5.57 25.53
CA LEU A 111 -14.12 4.48 25.46
C LEU A 111 -15.44 4.86 26.14
N ASN A 112 -16.56 4.52 25.49
CA ASN A 112 -17.88 4.84 26.04
C ASN A 112 -18.88 3.81 25.54
N GLY A 113 -20.06 3.79 26.17
CA GLY A 113 -21.10 2.89 25.75
C GLY A 113 -21.61 3.31 24.39
N PRO A 114 -22.34 2.42 23.71
CA PRO A 114 -22.71 2.65 22.32
C PRO A 114 -23.64 3.83 22.12
N ASN A 115 -24.51 4.12 23.09
CA ASN A 115 -25.50 5.16 22.93
C ASN A 115 -25.25 6.32 23.90
N ASP A 116 -24.05 6.40 24.44
CA ASP A 116 -23.77 7.43 25.43
C ASP A 116 -23.53 8.79 24.77
N GLU A 117 -23.90 9.84 25.49
CA GLU A 117 -23.71 11.22 25.07
C GLU A 117 -22.28 11.47 24.59
N VAL A 118 -22.15 12.15 23.46
CA VAL A 118 -20.86 12.63 22.98
C VAL A 118 -20.72 14.09 23.40
N VAL A 119 -19.71 14.38 24.21
CA VAL A 119 -19.45 15.72 24.71
C VAL A 119 -18.30 16.31 23.91
N LEU A 120 -18.56 17.39 23.18
CA LEU A 120 -17.52 18.04 22.40
C LEU A 120 -16.45 18.64 23.33
N PRO A 121 -15.18 18.58 22.97
CA PRO A 121 -14.17 19.27 23.79
C PRO A 121 -14.29 20.79 23.70
N LYS A 122 -13.46 21.47 24.49
CA LYS A 122 -13.59 22.91 24.60
C LYS A 122 -13.35 23.58 23.24
N ASN A 123 -14.23 24.52 22.88
CA ASN A 123 -14.08 25.33 21.68
C ASN A 123 -14.06 24.49 20.41
N SER A 124 -14.72 23.34 20.42
CA SER A 124 -14.66 22.44 19.28
C SER A 124 -15.62 22.90 18.18
N THR A 125 -15.07 23.15 16.99
CA THR A 125 -15.87 23.38 15.79
C THR A 125 -15.46 22.42 14.67
N HIS A 126 -14.66 21.39 14.98
CA HIS A 126 -14.15 20.44 14.01
C HIS A 126 -14.44 19.01 14.44
N GLY A 127 -15.49 18.80 15.23
CA GLY A 127 -15.88 17.45 15.60
C GLY A 127 -16.43 16.70 14.40
N ASP A 128 -16.09 15.42 14.31
CA ASP A 128 -16.36 14.65 13.11
C ASP A 128 -16.66 13.20 13.48
N TRP A 129 -17.35 12.51 12.56
CA TRP A 129 -17.79 11.13 12.75
C TRP A 129 -16.96 10.18 11.90
N GLU A 130 -16.88 8.91 12.35
CA GLU A 130 -16.20 7.84 11.60
C GLU A 130 -16.80 6.50 12.06
N VAL A 131 -17.75 5.96 11.29
CA VAL A 131 -18.21 4.61 11.61
C VAL A 131 -17.12 3.61 11.22
N GLU A 132 -16.84 2.66 12.11
CA GLU A 132 -15.78 1.66 11.89
C GLU A 132 -16.16 0.27 12.39
N LEU A 133 -15.60 -0.73 11.73
CA LEU A 133 -15.62 -2.11 12.21
C LEU A 133 -14.55 -2.30 13.29
N GLY A 134 -14.98 -2.64 14.49
CA GLY A 134 -14.07 -2.92 15.58
C GLY A 134 -13.87 -4.42 15.75
N VAL A 135 -12.65 -4.77 16.15
CA VAL A 135 -12.22 -6.15 16.31
C VAL A 135 -11.74 -6.33 17.74
N VAL A 136 -12.38 -7.24 18.49
CA VAL A 136 -11.96 -7.52 19.86
C VAL A 136 -11.11 -8.79 19.85
N ILE A 137 -9.91 -8.68 20.40
CA ILE A 137 -8.95 -9.79 20.36
C ILE A 137 -9.26 -10.81 21.44
N GLY A 138 -9.19 -12.09 21.08
CA GLY A 138 -9.44 -13.13 22.06
C GLY A 138 -8.21 -13.87 22.55
N GLU A 139 -7.17 -13.92 21.72
CA GLU A 139 -5.93 -14.61 22.03
C GLU A 139 -4.77 -13.71 21.66
N THR A 140 -3.67 -13.84 22.41
CA THR A 140 -2.53 -12.96 22.22
C THR A 140 -2.03 -13.02 20.77
N CYS A 141 -1.78 -11.82 20.20
CA CYS A 141 -1.31 -11.66 18.83
C CYS A 141 0.10 -11.09 18.89
N ARG A 142 1.08 -11.95 18.62
CA ARG A 142 2.49 -11.55 18.63
C ARG A 142 3.13 -12.17 17.39
N PHE A 143 3.43 -11.33 16.40
CA PHE A 143 3.98 -11.77 15.11
C PHE A 143 3.14 -12.88 14.50
N VAL A 144 1.85 -12.64 14.41
CA VAL A 144 0.91 -13.65 13.92
C VAL A 144 0.81 -13.54 12.41
N SER A 145 0.75 -14.69 11.73
CA SER A 145 0.64 -14.68 10.28
C SER A 145 -0.78 -14.34 9.86
N GLU A 146 -0.93 -13.84 8.63
CA GLU A 146 -2.25 -13.56 8.09
C GLU A 146 -3.15 -14.79 8.14
N ASP A 147 -2.58 -15.96 7.85
CA ASP A 147 -3.37 -17.18 7.77
C ASP A 147 -3.96 -17.58 9.12
N GLU A 148 -3.32 -17.20 10.22
CA GLU A 148 -3.80 -17.56 11.55
C GLU A 148 -4.43 -16.39 12.30
N ALA A 149 -4.50 -15.21 11.69
CA ALA A 149 -4.92 -14.01 12.44
C ALA A 149 -6.37 -14.09 12.90
N LEU A 150 -7.29 -14.49 12.01
CA LEU A 150 -8.70 -14.43 12.38
C LEU A 150 -9.04 -15.39 13.51
N SER A 151 -8.27 -16.48 13.68
CA SER A 151 -8.48 -17.39 14.80
C SER A 151 -8.22 -16.73 16.15
N LYS A 152 -7.54 -15.57 16.17
CA LYS A 152 -7.26 -14.87 17.41
C LYS A 152 -8.38 -13.91 17.83
N VAL A 153 -9.44 -13.81 17.02
CA VAL A 153 -10.48 -12.80 17.22
C VAL A 153 -11.57 -13.37 18.13
N ALA A 154 -11.94 -12.60 19.16
CA ALA A 154 -13.04 -12.99 20.03
C ALA A 154 -14.39 -12.59 19.43
N GLY A 155 -14.45 -11.44 18.78
CA GLY A 155 -15.69 -11.01 18.16
C GLY A 155 -15.52 -9.63 17.55
N TYR A 156 -16.60 -9.14 16.98
CA TYR A 156 -16.62 -7.86 16.29
C TYR A 156 -17.59 -6.91 16.97
N VAL A 157 -17.27 -5.61 16.92
CA VAL A 157 -18.12 -4.60 17.55
C VAL A 157 -18.24 -3.37 16.65
N LEU A 158 -19.36 -2.67 16.78
CA LEU A 158 -19.60 -1.43 16.09
C LEU A 158 -18.95 -0.29 16.85
N VAL A 159 -18.29 0.61 16.12
CA VAL A 159 -17.55 1.72 16.73
C VAL A 159 -17.81 3.02 15.99
N ASN A 160 -17.84 4.12 16.73
CA ASN A 160 -17.75 5.44 16.12
C ASN A 160 -16.40 6.02 16.58
N ASP A 161 -15.45 6.18 15.64
CA ASP A 161 -14.14 6.79 15.93
C ASP A 161 -14.28 8.32 15.88
N VAL A 162 -14.95 8.87 16.90
CA VAL A 162 -15.21 10.30 16.91
C VAL A 162 -13.88 11.04 16.96
N SER A 163 -13.80 12.14 16.21
CA SER A 163 -12.55 12.82 15.92
C SER A 163 -12.71 14.34 16.04
N GLU A 164 -11.69 15.01 16.56
CA GLU A 164 -11.65 16.47 16.57
C GLU A 164 -10.55 16.86 15.60
N ARG A 165 -10.93 17.30 14.39
CA ARG A 165 -9.96 17.42 13.32
C ARG A 165 -8.96 18.53 13.58
N PHE A 166 -9.33 19.57 14.31
CA PHE A 166 -8.34 20.61 14.61
C PHE A 166 -7.30 20.09 15.59
N ASN A 167 -7.75 19.44 16.66
CA ASN A 167 -6.81 18.86 17.61
C ASN A 167 -6.02 17.72 16.97
N GLN A 168 -6.60 17.05 15.96
CA GLN A 168 -5.95 15.90 15.34
C GLN A 168 -4.80 16.32 14.42
N LYS A 169 -4.99 17.40 13.66
CA LYS A 169 -4.10 17.77 12.56
C LYS A 169 -3.50 19.16 12.64
N GLN A 170 -4.06 20.08 13.43
CA GLN A 170 -3.56 21.46 13.46
C GLN A 170 -2.87 21.81 14.78
N ARG A 171 -2.60 20.81 15.62
CA ARG A 171 -1.80 20.99 16.83
C ARG A 171 -0.61 20.06 16.84
N GLY A 172 -0.02 19.83 15.68
CA GLY A 172 1.08 18.89 15.53
C GLY A 172 0.69 17.74 14.61
N THR A 173 1.65 16.84 14.41
CA THR A 173 1.44 15.76 13.45
C THR A 173 0.84 14.50 14.06
N GLN A 174 0.68 14.41 15.38
CA GLN A 174 0.26 13.16 15.99
C GLN A 174 -1.26 13.16 16.16
N TRP A 175 -1.93 12.22 15.49
CA TRP A 175 -3.40 12.20 15.43
C TRP A 175 -4.04 11.95 16.78
N SER A 176 -3.35 11.25 17.67
CA SER A 176 -3.98 10.81 18.92
C SER A 176 -4.48 11.99 19.74
N LYS A 177 -3.86 13.17 19.56
CA LYS A 177 -4.28 14.36 20.28
C LYS A 177 -5.71 14.80 19.95
N GLY A 178 -6.25 14.41 18.79
CA GLY A 178 -7.64 14.75 18.52
C GLY A 178 -8.56 13.53 18.51
N LYS A 179 -8.09 12.42 19.08
CA LYS A 179 -8.83 11.15 19.05
C LYS A 179 -9.15 10.60 20.43
N GLY A 180 -8.55 11.13 21.50
CA GLY A 180 -8.64 10.54 22.81
C GLY A 180 -9.58 11.23 23.76
N HIS A 181 -10.34 12.22 23.28
CA HIS A 181 -11.21 13.00 24.14
C HIS A 181 -12.23 12.10 24.83
N ASP A 182 -12.60 12.47 26.06
CA ASP A 182 -13.72 11.81 26.72
C ASP A 182 -14.89 11.67 25.77
N THR A 183 -15.51 10.49 25.77
CA THR A 183 -16.74 10.12 25.05
C THR A 183 -16.50 9.85 23.56
N PHE A 184 -15.27 9.93 23.07
CA PHE A 184 -15.04 9.89 21.63
C PHE A 184 -14.84 8.48 21.07
N CYS A 185 -15.12 7.43 21.84
CA CYS A 185 -15.09 6.05 21.32
C CYS A 185 -16.27 5.25 21.82
N PRO A 186 -17.49 5.55 21.37
CA PRO A 186 -18.63 4.68 21.68
C PRO A 186 -18.46 3.33 21.00
N VAL A 187 -18.65 2.25 21.76
CA VAL A 187 -18.41 0.89 21.31
C VAL A 187 -19.61 0.04 21.69
N GLY A 188 -20.16 -0.68 20.71
CA GLY A 188 -21.27 -1.57 20.98
C GLY A 188 -22.37 -1.40 19.94
N PRO A 189 -23.55 -1.98 20.20
CA PRO A 189 -24.01 -2.52 21.49
C PRO A 189 -23.60 -3.96 21.80
N TRP A 190 -23.10 -4.69 20.80
CA TRP A 190 -22.92 -6.13 20.93
C TRP A 190 -21.51 -6.56 20.55
N LEU A 191 -20.95 -7.47 21.34
CA LEU A 191 -19.76 -8.22 20.92
C LEU A 191 -20.29 -9.42 20.14
N VAL A 192 -20.07 -9.45 18.84
CA VAL A 192 -20.65 -10.50 17.99
C VAL A 192 -19.54 -11.45 17.56
N THR A 193 -19.66 -12.73 17.95
CA THR A 193 -18.56 -13.68 17.72
C THR A 193 -18.52 -14.10 16.24
N PRO A 194 -17.36 -14.57 15.77
CA PRO A 194 -17.18 -14.70 14.30
C PRO A 194 -18.16 -15.65 13.63
N ASP A 195 -18.63 -16.68 14.30
CA ASP A 195 -19.58 -17.59 13.65
C ASP A 195 -20.91 -16.91 13.34
N GLU A 196 -21.26 -15.85 14.07
CA GLU A 196 -22.48 -15.12 13.73
C GLU A 196 -22.21 -14.04 12.70
N VAL A 197 -21.05 -13.37 12.77
CA VAL A 197 -20.74 -12.33 11.80
C VAL A 197 -20.59 -12.92 10.42
N GLY A 198 -20.00 -14.12 10.32
CA GLY A 198 -19.60 -14.62 9.02
C GLY A 198 -18.38 -13.88 8.53
N ASP A 199 -18.29 -13.72 7.22
CA ASP A 199 -17.17 -13.04 6.60
C ASP A 199 -17.15 -11.58 7.04
N PRO A 200 -16.13 -11.13 7.78
CA PRO A 200 -16.10 -9.70 8.16
C PRO A 200 -15.85 -8.77 6.98
N GLN A 201 -15.39 -9.29 5.83
CA GLN A 201 -15.14 -8.49 4.66
C GLN A 201 -16.34 -8.39 3.72
N ASP A 202 -17.55 -8.66 4.21
CA ASP A 202 -18.74 -8.41 3.39
C ASP A 202 -19.88 -7.95 4.29
N LEU A 203 -19.72 -6.79 4.90
CA LEU A 203 -20.67 -6.21 5.83
C LEU A 203 -21.00 -4.80 5.39
N ASP A 204 -22.29 -4.46 5.34
CA ASP A 204 -22.73 -3.10 5.01
C ASP A 204 -22.56 -2.17 6.21
N VAL A 205 -22.16 -0.93 5.91
CA VAL A 205 -21.79 0.09 6.88
C VAL A 205 -22.51 1.39 6.56
N HIS A 206 -23.05 2.07 7.58
CA HIS A 206 -23.63 3.39 7.36
C HIS A 206 -23.55 4.25 8.62
N LEU A 207 -23.63 5.55 8.40
CA LEU A 207 -23.78 6.55 9.46
C LEU A 207 -24.61 7.72 8.95
N ASP A 208 -25.60 8.12 9.74
CA ASP A 208 -26.44 9.27 9.48
C ASP A 208 -26.19 10.34 10.54
N VAL A 209 -26.40 11.59 10.16
CA VAL A 209 -26.34 12.72 11.10
C VAL A 209 -27.65 13.49 10.93
N ASN A 210 -28.42 13.60 12.01
CA ASN A 210 -29.73 14.24 11.98
C ASN A 210 -30.62 13.63 10.90
N GLY A 211 -30.54 12.30 10.76
CA GLY A 211 -31.35 11.56 9.81
C GLY A 211 -30.87 11.58 8.39
N GLU A 212 -29.85 12.38 8.06
CA GLU A 212 -29.30 12.47 6.72
C GLU A 212 -28.11 11.52 6.58
N ARG A 213 -28.11 10.71 5.51
CA ARG A 213 -27.03 9.75 5.32
C ARG A 213 -25.71 10.46 4.98
N MET A 214 -24.68 10.20 5.78
CA MET A 214 -23.36 10.79 5.56
C MET A 214 -22.34 9.78 5.02
N GLN A 215 -22.27 8.59 5.62
CA GLN A 215 -21.33 7.54 5.22
C GLN A 215 -22.08 6.30 4.75
N THR A 216 -21.71 5.78 3.59
CA THR A 216 -22.22 4.51 3.10
C THR A 216 -21.05 3.71 2.57
N GLY A 217 -20.97 2.45 2.94
CA GLY A 217 -19.92 1.60 2.40
C GLY A 217 -20.16 0.15 2.75
N ASN A 218 -19.14 -0.66 2.46
CA ASN A 218 -19.13 -2.07 2.74
C ASN A 218 -17.67 -2.48 2.95
N THR A 219 -17.46 -3.36 3.93
CA THR A 219 -16.10 -3.74 4.30
C THR A 219 -15.37 -4.49 3.21
N LYS A 220 -16.06 -4.87 2.12
CA LYS A 220 -15.35 -5.47 0.99
C LYS A 220 -14.36 -4.52 0.35
N THR A 221 -14.47 -3.20 0.56
CA THR A 221 -13.51 -2.26 -0.03
C THR A 221 -12.37 -1.91 0.92
N MET A 222 -12.25 -2.61 2.05
CA MET A 222 -11.09 -2.36 2.92
C MET A 222 -9.81 -2.63 2.17
N ILE A 223 -8.81 -1.79 2.41
CA ILE A 223 -7.53 -1.94 1.72
C ILE A 223 -6.73 -3.09 2.31
N PHE A 224 -6.54 -3.07 3.63
CA PHE A 224 -6.00 -4.18 4.38
C PHE A 224 -7.17 -4.86 5.08
N ASN A 225 -7.37 -6.15 4.82
CA ASN A 225 -8.47 -6.80 5.52
C ASN A 225 -8.11 -7.01 6.99
N VAL A 226 -9.08 -7.51 7.77
CA VAL A 226 -8.87 -7.66 9.21
C VAL A 226 -7.66 -8.54 9.48
N ALA A 227 -7.56 -9.68 8.78
CA ALA A 227 -6.44 -10.59 8.99
C ALA A 227 -5.11 -9.91 8.72
N GLN A 228 -5.03 -9.12 7.64
CA GLN A 228 -3.78 -8.44 7.30
C GLN A 228 -3.45 -7.36 8.33
N LEU A 229 -4.46 -6.66 8.84
CA LEU A 229 -4.23 -5.65 9.87
C LEU A 229 -3.70 -6.28 11.15
N ILE A 230 -4.36 -7.34 11.64
CA ILE A 230 -3.89 -8.04 12.83
C ILE A 230 -2.45 -8.50 12.65
N SER A 231 -2.14 -9.09 11.50
CA SER A 231 -0.81 -9.62 11.27
C SER A 231 0.24 -8.50 11.30
N TYR A 232 -0.02 -7.40 10.61
CA TYR A 232 0.92 -6.28 10.56
C TYR A 232 1.07 -5.63 11.93
N VAL A 233 -0.04 -5.25 12.56
CA VAL A 233 0.02 -4.60 13.87
C VAL A 233 0.83 -5.43 14.85
N SER A 234 0.66 -6.77 14.80
CA SER A 234 1.27 -7.66 15.80
C SER A 234 2.79 -7.72 15.70
N GLU A 235 3.40 -7.13 14.67
CA GLU A 235 4.85 -7.04 14.57
C GLU A 235 5.40 -5.80 15.24
N TYR A 236 4.55 -4.85 15.59
CA TYR A 236 4.95 -3.61 16.26
C TYR A 236 4.41 -3.48 17.67
N ILE A 237 3.23 -4.03 17.92
CA ILE A 237 2.56 -3.92 19.21
C ILE A 237 1.84 -5.24 19.44
N THR A 238 2.09 -5.87 20.59
CA THR A 238 1.39 -7.10 20.93
C THR A 238 -0.05 -6.77 21.31
N LEU A 239 -1.00 -7.51 20.73
CA LEU A 239 -2.40 -7.36 21.08
C LEU A 239 -2.77 -8.49 22.04
N TYR A 240 -3.33 -8.12 23.18
CA TYR A 240 -3.69 -9.06 24.23
C TYR A 240 -5.20 -9.27 24.21
N PRO A 241 -5.67 -10.37 24.81
CA PRO A 241 -7.11 -10.61 24.89
C PRO A 241 -7.84 -9.42 25.50
N GLY A 242 -8.94 -9.04 24.86
CA GLY A 242 -9.68 -7.86 25.22
C GLY A 242 -9.28 -6.59 24.50
N ASP A 243 -8.12 -6.57 23.84
CA ASP A 243 -7.75 -5.35 23.11
C ASP A 243 -8.70 -5.12 21.93
N LEU A 244 -8.89 -3.85 21.60
CA LEU A 244 -9.78 -3.44 20.52
C LEU A 244 -8.97 -2.81 19.40
N MET A 245 -9.20 -3.26 18.17
CA MET A 245 -8.62 -2.65 16.99
C MET A 245 -9.75 -2.07 16.14
N ILE A 246 -9.68 -0.79 15.85
CA ILE A 246 -10.69 -0.15 14.99
C ILE A 246 -10.07 0.06 13.61
N THR A 247 -10.78 -0.40 12.57
CA THR A 247 -10.11 -0.76 11.33
C THR A 247 -10.30 0.26 10.19
N GLY A 248 -10.73 1.49 10.50
CA GLY A 248 -10.84 2.52 9.49
C GLY A 248 -12.27 2.77 9.07
N THR A 249 -12.45 3.79 8.21
CA THR A 249 -13.81 4.25 7.93
C THR A 249 -14.04 4.44 6.44
N PRO A 250 -15.27 4.20 5.98
CA PRO A 250 -15.60 4.41 4.56
C PRO A 250 -15.71 5.89 4.24
N PRO A 251 -15.92 6.26 2.97
CA PRO A 251 -16.06 7.69 2.65
C PRO A 251 -17.24 8.31 3.39
N GLY A 252 -17.22 9.65 3.44
CA GLY A 252 -18.35 10.42 3.93
C GLY A 252 -18.15 11.12 5.24
N VAL A 253 -16.92 11.14 5.77
CA VAL A 253 -16.66 11.94 6.97
C VAL A 253 -16.90 13.41 6.67
N GLY A 254 -17.24 14.17 7.72
CA GLY A 254 -17.61 15.56 7.54
C GLY A 254 -16.47 16.39 6.97
N GLU A 255 -15.24 16.14 7.45
CA GLU A 255 -14.04 16.81 6.96
C GLU A 255 -13.91 16.76 5.45
N GLY A 256 -14.45 15.72 4.81
CA GLY A 256 -14.32 15.57 3.37
C GLY A 256 -15.48 16.08 2.54
N LYS A 257 -16.49 16.67 3.15
CA LYS A 257 -17.64 17.13 2.36
C LYS A 257 -17.27 18.30 1.47
N LYS A 258 -17.92 18.35 0.30
CA LYS A 258 -17.69 19.36 -0.69
C LYS A 258 -18.99 20.08 -0.99
N PRO A 259 -18.94 21.39 -1.28
CA PRO A 259 -17.72 22.20 -1.41
C PRO A 259 -17.09 22.60 -0.09
N GLN A 260 -17.80 22.43 1.03
CA GLN A 260 -17.27 22.82 2.32
C GLN A 260 -17.42 21.67 3.32
N ALA A 261 -16.40 21.50 4.14
CA ALA A 261 -16.47 20.53 5.23
C ALA A 261 -17.64 20.85 6.16
N ILE A 262 -18.20 19.79 6.74
CA ILE A 262 -19.33 19.88 7.67
C ILE A 262 -18.93 19.18 8.96
N TYR A 263 -19.19 19.82 10.09
CA TYR A 263 -18.76 19.29 11.38
C TYR A 263 -19.92 19.21 12.35
N LEU A 264 -19.68 18.45 13.42
CA LEU A 264 -20.66 18.27 14.49
C LEU A 264 -20.88 19.56 15.25
N LYS A 265 -22.12 19.75 15.70
CA LYS A 265 -22.46 20.86 16.59
C LYS A 265 -23.37 20.34 17.69
N ALA A 266 -23.41 21.07 18.80
CA ALA A 266 -24.29 20.72 19.90
C ALA A 266 -25.71 20.52 19.39
N GLY A 267 -26.34 19.42 19.82
CA GLY A 267 -27.67 19.08 19.40
C GLY A 267 -27.74 18.08 18.26
N ASP A 268 -26.63 17.86 17.55
CA ASP A 268 -26.60 16.87 16.47
C ASP A 268 -26.81 15.45 17.02
N VAL A 269 -27.38 14.59 16.18
CA VAL A 269 -27.60 13.20 16.51
C VAL A 269 -26.88 12.34 15.48
N MET A 270 -26.01 11.45 15.95
CA MET A 270 -25.34 10.48 15.08
C MET A 270 -26.03 9.13 15.22
N GLU A 271 -26.36 8.52 14.08
CA GLU A 271 -26.92 7.18 14.07
C GLU A 271 -26.12 6.33 13.11
N LEU A 272 -25.68 5.16 13.55
CA LEU A 272 -24.80 4.36 12.72
C LEU A 272 -25.07 2.87 12.95
N GLY A 273 -24.61 2.07 12.00
CA GLY A 273 -24.81 0.63 12.07
C GLY A 273 -23.87 -0.09 11.13
N ILE A 274 -23.54 -1.33 11.49
CA ILE A 274 -22.87 -2.23 10.58
C ILE A 274 -23.65 -3.54 10.62
N GLU A 275 -23.85 -4.14 9.46
CA GLU A 275 -24.53 -5.42 9.34
C GLU A 275 -24.01 -6.42 10.36
N LYS A 276 -24.95 -7.06 11.08
CA LYS A 276 -24.81 -8.08 12.11
C LYS A 276 -24.38 -7.52 13.44
N LEU A 277 -23.98 -6.24 13.53
CA LEU A 277 -23.40 -5.67 14.74
C LEU A 277 -24.32 -4.69 15.47
N GLY A 278 -25.55 -4.51 15.01
CA GLY A 278 -26.45 -3.61 15.72
C GLY A 278 -26.30 -2.15 15.30
N THR A 279 -26.82 -1.26 16.15
CA THR A 279 -26.85 0.16 15.84
C THR A 279 -26.48 0.99 17.06
N GLN A 280 -25.96 2.19 16.80
CA GLN A 280 -25.66 3.18 17.81
C GLN A 280 -26.44 4.47 17.54
N ARG A 281 -26.70 5.21 18.62
CA ARG A 281 -27.24 6.55 18.52
C ARG A 281 -26.59 7.40 19.59
N GLN A 282 -25.97 8.50 19.19
CA GLN A 282 -25.38 9.44 20.13
C GLN A 282 -25.93 10.83 19.91
N GLN A 283 -26.30 11.49 21.00
CA GLN A 283 -26.60 12.91 21.03
C GLN A 283 -25.32 13.66 21.36
N VAL A 284 -25.07 14.77 20.66
CA VAL A 284 -23.88 15.60 20.81
C VAL A 284 -24.20 16.81 21.68
N SER A 285 -23.32 17.12 22.63
CA SER A 285 -23.47 18.23 23.56
C SER A 285 -22.24 19.12 23.52
N GLU A 286 -22.46 20.40 23.83
CA GLU A 286 -21.36 21.33 24.05
C GLU A 286 -20.53 20.88 25.25
N TRP A 287 -19.31 21.40 25.31
CA TRP A 287 -18.41 21.03 26.40
C TRP A 287 -19.00 21.44 27.74
N ARG A 288 -18.76 20.62 28.74
CA ARG A 288 -18.87 21.00 30.14
C ARG A 288 -17.77 20.27 30.88
N HIS A 289 -17.41 20.77 32.05
CA HIS A 289 -16.45 20.05 32.88
C HIS A 289 -17.13 18.81 33.43
N LEU A 290 -16.58 17.64 33.12
CA LEU A 290 -17.18 16.38 33.53
C LEU A 290 -16.77 15.97 34.93
N GLY A 291 -16.01 16.80 35.63
CA GLY A 291 -15.76 16.55 37.04
C GLY A 291 -14.89 15.33 37.24
N ASP A 292 -15.30 14.47 38.17
CA ASP A 292 -14.57 13.25 38.48
C ASP A 292 -15.21 12.01 37.85
N GLU A 293 -16.11 12.19 36.89
CA GLU A 293 -16.80 11.07 36.28
C GLU A 293 -15.82 10.16 35.56
N VAL A 294 -16.06 8.85 35.67
CA VAL A 294 -15.30 7.85 34.93
C VAL A 294 -16.23 7.25 33.89
N PHE A 295 -15.73 7.09 32.67
CA PHE A 295 -16.57 6.55 31.60
C PHE A 295 -16.20 5.11 31.29
N GLY A 296 -16.31 4.70 30.03
CA GLY A 296 -15.90 3.34 29.69
C GLY A 296 -16.90 2.26 30.08
N GLY B 11 8.41 6.92 55.15
CA GLY B 11 8.56 6.11 53.96
C GLY B 11 8.08 6.77 52.69
N SER B 12 8.97 6.90 51.69
CA SER B 12 8.63 7.59 50.45
C SER B 12 9.07 6.88 49.18
N LYS B 13 9.75 5.73 49.27
CA LYS B 13 10.17 4.96 48.10
C LYS B 13 9.42 3.64 48.10
N PHE B 14 8.56 3.44 47.11
CA PHE B 14 7.76 2.23 47.03
C PHE B 14 8.19 1.40 45.83
N CYS B 15 8.00 0.08 45.93
CA CYS B 15 8.44 -0.82 44.88
C CYS B 15 7.55 -2.04 44.86
N ARG B 16 7.80 -2.89 43.88
CA ARG B 16 7.13 -4.17 43.74
C ARG B 16 8.22 -5.17 43.38
N PHE B 17 8.28 -6.28 44.09
CA PHE B 17 9.39 -7.20 43.97
C PHE B 17 8.91 -8.62 43.78
N GLY B 18 9.69 -9.38 43.01
CA GLY B 18 9.36 -10.76 42.69
C GLY B 18 9.32 -11.01 41.20
N GLN B 19 8.98 -12.25 40.85
CA GLN B 19 8.89 -12.63 39.45
C GLN B 19 7.67 -11.99 38.80
N ARG B 20 7.74 -11.84 37.48
CA ARG B 20 6.67 -11.20 36.72
C ARG B 20 5.34 -11.93 36.96
N GLY B 21 4.30 -11.15 37.27
CA GLY B 21 2.99 -11.70 37.58
C GLY B 21 2.83 -12.19 39.00
N GLN B 22 3.87 -12.08 39.83
CA GLN B 22 3.88 -12.59 41.20
C GLN B 22 4.43 -11.56 42.17
N GLU B 23 4.53 -10.30 41.76
CA GLU B 23 5.19 -9.29 42.58
C GLU B 23 4.39 -9.00 43.85
N LYS B 24 5.11 -8.58 44.88
CA LYS B 24 4.56 -8.14 46.15
C LYS B 24 4.89 -6.66 46.39
N PRO B 25 4.11 -5.96 47.20
CA PRO B 25 4.40 -4.56 47.48
C PRO B 25 5.53 -4.40 48.48
N GLY B 26 6.36 -3.37 48.27
CA GLY B 26 7.49 -3.13 49.13
C GLY B 26 7.81 -1.66 49.33
N ILE B 27 8.62 -1.39 50.34
CA ILE B 27 9.11 -0.05 50.61
C ILE B 27 10.61 -0.14 50.86
N ILE B 28 11.34 0.90 50.44
CA ILE B 28 12.79 0.94 50.57
C ILE B 28 13.13 1.62 51.90
N ASP B 29 13.83 0.93 52.78
CA ASP B 29 14.13 1.53 54.08
C ASP B 29 15.36 2.44 53.98
N ALA B 30 15.78 2.98 55.12
CA ALA B 30 16.87 3.95 55.14
C ALA B 30 18.22 3.33 54.81
N ASP B 31 18.34 1.99 54.91
CA ASP B 31 19.56 1.30 54.53
C ASP B 31 19.57 0.89 53.06
N GLY B 32 18.47 1.09 52.35
CA GLY B 32 18.37 0.65 50.98
C GLY B 32 17.84 -0.75 50.80
N ASN B 33 17.30 -1.35 51.85
CA ASN B 33 16.76 -2.70 51.77
C ASN B 33 15.26 -2.64 51.52
N ILE B 34 14.76 -3.66 50.81
CA ILE B 34 13.33 -3.82 50.61
C ILE B 34 12.69 -4.34 51.89
N ARG B 35 11.59 -3.71 52.30
CA ARG B 35 10.71 -4.22 53.34
C ARG B 35 9.38 -4.65 52.73
N ASP B 36 8.84 -5.77 53.21
CA ASP B 36 7.60 -6.32 52.64
C ASP B 36 6.40 -5.59 53.24
N LEU B 37 5.54 -5.05 52.37
CA LEU B 37 4.32 -4.35 52.78
C LEU B 37 3.08 -5.24 52.81
N SER B 38 3.22 -6.54 52.49
CA SER B 38 2.04 -7.41 52.37
C SER B 38 1.17 -7.41 53.62
N GLY B 39 1.75 -7.17 54.79
CA GLY B 39 0.95 -7.13 56.00
C GLY B 39 0.06 -5.91 56.12
N VAL B 40 0.38 -4.86 55.38
CA VAL B 40 -0.36 -3.60 55.44
C VAL B 40 -1.31 -3.46 54.25
N VAL B 41 -0.82 -3.70 53.04
CA VAL B 41 -1.64 -3.67 51.83
C VAL B 41 -1.31 -4.86 50.97
N PRO B 42 -2.29 -5.38 50.24
CA PRO B 42 -2.05 -6.57 49.42
C PRO B 42 -1.29 -6.24 48.13
N GLU B 43 -1.51 -5.05 47.58
CA GLU B 43 -0.90 -4.65 46.31
C GLU B 43 -0.49 -3.18 46.38
N LEU B 44 0.60 -2.83 45.71
CA LEU B 44 1.01 -1.42 45.61
C LEU B 44 0.25 -0.76 44.47
N THR B 45 -0.94 -0.26 44.80
CA THR B 45 -1.76 0.51 43.87
C THR B 45 -1.83 1.94 44.35
N ILE B 46 -2.39 2.81 43.50
CA ILE B 46 -2.49 4.22 43.87
C ILE B 46 -3.39 4.39 45.10
N ASP B 47 -4.49 3.63 45.14
CA ASP B 47 -5.36 3.69 46.30
C ASP B 47 -4.68 3.17 47.56
N ALA B 48 -3.69 2.28 47.43
CA ALA B 48 -2.99 1.73 48.57
C ALA B 48 -1.90 2.63 49.12
N LEU B 49 -1.63 3.77 48.46
CA LEU B 49 -0.49 4.60 48.83
C LEU B 49 -0.65 5.20 50.22
N ALA B 50 -1.86 5.67 50.56
CA ALA B 50 -2.06 6.30 51.86
C ALA B 50 -1.73 5.35 53.00
N ALA B 51 -2.21 4.10 52.90
CA ALA B 51 -1.93 3.13 53.95
C ALA B 51 -0.46 2.73 53.97
N ALA B 52 0.15 2.54 52.79
CA ALA B 52 1.57 2.23 52.72
C ALA B 52 2.42 3.40 53.22
N LYS B 53 2.00 4.63 52.96
CA LYS B 53 2.74 5.79 53.45
C LYS B 53 2.64 5.92 54.97
N GLY B 54 1.54 5.47 55.55
CA GLY B 54 1.37 5.56 56.99
C GLY B 54 1.99 4.44 57.79
N ALA B 55 2.41 3.35 57.14
CA ALA B 55 2.87 2.17 57.85
C ALA B 55 4.20 2.40 58.57
N ASP B 56 4.40 1.64 59.64
CA ASP B 56 5.62 1.67 60.43
C ASP B 56 6.65 0.74 59.78
N ILE B 57 7.67 1.34 59.13
CA ILE B 57 8.64 0.56 58.37
C ILE B 57 9.40 -0.42 59.28
N ALA B 58 9.78 0.04 60.48
CA ALA B 58 10.59 -0.81 61.35
C ALA B 58 9.89 -2.09 61.76
N LEU B 59 8.57 -2.18 61.56
CA LEU B 59 7.81 -3.39 61.86
C LEU B 59 7.62 -4.29 60.64
N LEU B 60 8.09 -3.86 59.47
CA LEU B 60 7.96 -4.67 58.26
C LEU B 60 9.18 -5.58 58.11
N PRO B 61 8.98 -6.81 57.67
CA PRO B 61 10.11 -7.74 57.55
C PRO B 61 11.00 -7.42 56.36
N LEU B 62 12.30 -7.64 56.54
CA LEU B 62 13.24 -7.54 55.44
C LEU B 62 12.98 -8.66 54.43
N VAL B 63 13.13 -8.32 53.14
CA VAL B 63 12.96 -9.30 52.07
C VAL B 63 14.29 -10.01 51.84
N GLU B 64 14.23 -11.33 51.63
CA GLU B 64 15.41 -12.13 51.40
C GLU B 64 15.49 -12.54 49.93
N GLY B 65 16.71 -12.89 49.51
CA GLY B 65 16.91 -13.53 48.22
C GLY B 65 17.26 -12.64 47.05
N GLU B 66 17.43 -11.33 47.27
CA GLU B 66 17.75 -10.38 46.22
C GLU B 66 16.76 -10.47 45.06
N PRO B 67 15.48 -10.18 45.28
CA PRO B 67 14.47 -10.41 44.25
C PRO B 67 14.50 -9.38 43.13
N ARG B 68 13.86 -9.76 42.02
CA ARG B 68 13.67 -8.87 40.88
C ARG B 68 12.78 -7.69 41.26
N TYR B 69 13.10 -6.51 40.72
CA TYR B 69 12.19 -5.37 40.77
C TYR B 69 11.21 -5.44 39.61
N GLY B 70 9.93 -5.27 39.93
CA GLY B 70 8.90 -5.09 38.93
C GLY B 70 8.62 -3.61 38.69
N VAL B 71 7.67 -3.36 37.79
CA VAL B 71 7.10 -2.02 37.69
C VAL B 71 6.60 -1.62 39.07
N PRO B 72 6.96 -0.43 39.58
CA PRO B 72 6.72 -0.16 41.01
C PRO B 72 5.27 0.14 41.37
N VAL B 73 4.38 0.35 40.40
CA VAL B 73 2.97 0.58 40.69
C VAL B 73 2.16 -0.42 39.88
N LYS B 74 1.19 -1.05 40.53
CA LYS B 74 0.29 -1.97 39.86
C LYS B 74 -0.91 -1.21 39.30
N GLY B 75 -1.31 -1.57 38.09
CA GLY B 75 -2.53 -1.04 37.52
C GLY B 75 -2.38 0.24 36.73
N ILE B 76 -1.22 0.48 36.13
CA ILE B 76 -1.09 1.60 35.19
C ILE B 76 -2.02 1.37 34.02
N GLY B 77 -2.94 2.30 33.81
CA GLY B 77 -3.95 2.10 32.77
C GLY B 77 -3.51 2.47 31.36
N LYS B 78 -2.75 3.56 31.23
CA LYS B 78 -2.26 3.98 29.92
C LYS B 78 -1.03 4.85 30.17
N ILE B 79 -0.26 5.06 29.11
CA ILE B 79 0.98 5.86 29.17
C ILE B 79 0.93 6.92 28.08
N VAL B 80 0.95 8.20 28.49
CA VAL B 80 1.00 9.34 27.57
C VAL B 80 2.45 9.79 27.47
N ALA B 81 2.96 9.90 26.24
CA ALA B 81 4.35 10.24 26.01
C ALA B 81 4.49 11.62 25.39
N ILE B 82 5.57 12.32 25.76
CA ILE B 82 5.85 13.67 25.26
C ILE B 82 7.02 13.58 24.29
N GLY B 83 6.96 14.38 23.23
CA GLY B 83 8.01 14.41 22.22
C GLY B 83 9.16 15.30 22.64
N LEU B 84 9.67 16.11 21.71
CA LEU B 84 10.75 17.05 22.02
C LEU B 84 10.38 17.92 23.22
N ASN B 85 11.18 17.84 24.29
CA ASN B 85 10.82 18.60 25.48
C ASN B 85 12.03 19.07 26.30
N TYR B 86 13.22 19.06 25.73
CA TYR B 86 14.41 19.58 26.40
C TYR B 86 15.02 20.64 25.50
N GLU B 87 15.22 21.84 26.06
CA GLU B 87 15.71 22.95 25.26
C GLU B 87 17.09 22.66 24.71
N ASP B 88 17.98 22.08 25.54
CA ASP B 88 19.30 21.69 25.05
C ASP B 88 19.23 20.55 24.06
N HIS B 89 18.16 19.74 24.08
CA HIS B 89 18.00 18.75 23.03
C HIS B 89 17.56 19.41 21.73
N ALA B 90 16.63 20.37 21.81
CA ALA B 90 16.20 21.09 20.62
C ALA B 90 17.36 21.80 19.94
N ILE B 91 18.28 22.37 20.74
CA ILE B 91 19.41 23.08 20.15
C ILE B 91 20.34 22.10 19.45
N GLU B 92 20.67 20.98 20.11
CA GLU B 92 21.59 20.00 19.54
C GLU B 92 21.05 19.40 18.24
N SER B 93 19.73 19.23 18.13
CA SER B 93 19.14 18.74 16.88
C SER B 93 18.86 19.85 15.88
N ASN B 94 19.16 21.11 16.22
CA ASN B 94 18.84 22.25 15.36
C ASN B 94 17.35 22.29 15.02
N LEU B 95 16.51 21.97 16.00
CA LEU B 95 15.08 22.02 15.80
C LEU B 95 14.46 23.20 16.54
N PRO B 96 13.35 23.74 16.06
CA PRO B 96 12.70 24.84 16.76
C PRO B 96 12.04 24.37 18.05
N ILE B 97 11.87 25.34 18.95
CA ILE B 97 11.18 25.15 20.23
C ILE B 97 9.70 24.94 19.96
N PRO B 98 9.13 23.77 20.26
CA PRO B 98 7.69 23.59 20.06
C PRO B 98 6.90 24.58 20.91
N THR B 99 5.77 25.03 20.36
CA THR B 99 4.88 25.93 21.09
C THR B 99 3.80 25.21 21.89
N GLU B 100 3.51 23.95 21.57
CA GLU B 100 2.73 23.11 22.45
C GLU B 100 3.31 21.70 22.41
N PRO B 101 3.14 20.91 23.46
CA PRO B 101 3.88 19.64 23.54
C PRO B 101 3.37 18.63 22.53
N MET B 102 4.31 17.97 21.85
CA MET B 102 3.93 16.81 21.05
C MET B 102 3.52 15.67 21.97
N MET B 103 2.37 15.07 21.71
CA MET B 103 1.88 13.94 22.48
C MET B 103 1.78 12.72 21.58
N PHE B 104 2.11 11.55 22.14
CA PHE B 104 1.80 10.29 21.48
C PHE B 104 1.60 9.24 22.56
N MET B 105 0.91 8.16 22.20
CA MET B 105 0.65 7.13 23.19
C MET B 105 1.77 6.09 23.16
N LYS B 106 2.25 5.74 24.35
CA LYS B 106 3.23 4.68 24.55
C LYS B 106 2.44 3.42 24.86
N ALA B 107 2.35 2.49 23.90
CA ALA B 107 1.53 1.28 24.08
C ALA B 107 1.79 0.61 25.42
N LEU B 108 0.71 0.30 26.13
CA LEU B 108 0.82 -0.27 27.48
C LEU B 108 1.60 -1.59 27.46
N SER B 109 1.51 -2.34 26.37
CA SER B 109 2.21 -3.61 26.26
C SER B 109 3.73 -3.44 26.17
N SER B 110 4.23 -2.21 26.08
CA SER B 110 5.68 -2.01 26.13
C SER B 110 6.20 -1.96 27.57
N LEU B 111 5.32 -1.74 28.54
CA LEU B 111 5.70 -1.65 29.94
C LEU B 111 6.53 -2.85 30.38
N ASN B 112 7.58 -2.58 31.15
CA ASN B 112 8.43 -3.66 31.64
C ASN B 112 9.10 -3.25 32.94
N GLY B 113 9.66 -4.24 33.63
CA GLY B 113 10.42 -4.00 34.84
C GLY B 113 11.66 -3.18 34.55
N PRO B 114 12.18 -2.50 35.58
CA PRO B 114 13.29 -1.55 35.37
C PRO B 114 14.56 -2.21 34.86
N ASN B 115 14.82 -3.45 35.26
CA ASN B 115 16.06 -4.13 34.91
C ASN B 115 15.81 -5.28 33.95
N ASP B 116 14.62 -5.34 33.35
CA ASP B 116 14.25 -6.48 32.53
C ASP B 116 14.93 -6.40 31.16
N GLU B 117 15.16 -7.58 30.58
CA GLU B 117 15.76 -7.68 29.24
C GLU B 117 15.01 -6.83 28.22
N VAL B 118 15.75 -6.12 27.39
CA VAL B 118 15.18 -5.38 26.27
C VAL B 118 15.41 -6.20 25.00
N VAL B 119 14.32 -6.58 24.34
CA VAL B 119 14.38 -7.41 23.14
C VAL B 119 14.15 -6.52 21.92
N LEU B 120 15.15 -6.43 21.06
CA LEU B 120 15.00 -5.64 19.84
C LEU B 120 13.98 -6.29 18.91
N PRO B 121 13.22 -5.49 18.16
CA PRO B 121 12.25 -6.06 17.21
C PRO B 121 12.97 -6.77 16.07
N LYS B 122 12.18 -7.50 15.29
CA LYS B 122 12.75 -8.31 14.22
C LYS B 122 13.51 -7.44 13.22
N ASN B 123 14.76 -7.80 12.95
CA ASN B 123 15.61 -7.12 11.97
C ASN B 123 15.86 -5.66 12.32
N SER B 124 15.82 -5.33 13.61
CA SER B 124 15.95 -3.94 14.04
C SER B 124 17.42 -3.52 14.04
N THR B 125 17.73 -2.46 13.31
CA THR B 125 19.05 -1.84 13.37
C THR B 125 18.98 -0.38 13.78
N HIS B 126 17.81 0.12 14.19
CA HIS B 126 17.64 1.51 14.61
C HIS B 126 17.07 1.62 16.02
N GLY B 127 17.35 0.65 16.89
CA GLY B 127 16.93 0.76 18.28
C GLY B 127 17.72 1.83 19.03
N ASP B 128 17.03 2.56 19.91
CA ASP B 128 17.59 3.76 20.52
C ASP B 128 17.10 3.90 21.96
N TRP B 129 17.87 4.64 22.74
CA TRP B 129 17.63 4.85 24.18
C TRP B 129 17.09 6.25 24.44
N GLU B 130 16.28 6.40 25.52
CA GLU B 130 15.72 7.70 25.91
C GLU B 130 15.45 7.68 27.41
N VAL B 131 16.41 8.14 28.22
CA VAL B 131 16.11 8.28 29.64
C VAL B 131 15.14 9.44 29.86
N GLU B 132 14.14 9.23 30.71
CA GLU B 132 13.05 10.18 30.88
C GLU B 132 12.53 10.16 32.32
N LEU B 133 12.06 11.32 32.77
CA LEU B 133 11.33 11.43 34.02
C LEU B 133 9.88 10.99 33.78
N GLY B 134 9.43 9.97 34.52
CA GLY B 134 8.05 9.52 34.48
C GLY B 134 7.25 10.07 35.65
N VAL B 135 5.99 10.37 35.39
CA VAL B 135 5.10 10.97 36.38
C VAL B 135 3.89 10.05 36.53
N VAL B 136 3.63 9.59 37.74
CA VAL B 136 2.48 8.72 38.00
C VAL B 136 1.38 9.55 38.64
N ILE B 137 0.23 9.58 37.97
CA ILE B 137 -0.90 10.41 38.39
C ILE B 137 -1.59 9.81 39.62
N GLY B 138 -1.91 10.66 40.58
CA GLY B 138 -2.63 10.21 41.77
C GLY B 138 -4.10 10.57 41.84
N GLU B 139 -4.47 11.68 41.19
CA GLU B 139 -5.84 12.17 41.18
C GLU B 139 -6.22 12.55 39.75
N THR B 140 -7.49 12.32 39.41
CA THR B 140 -7.96 12.54 38.05
C THR B 140 -7.61 13.94 37.56
N CYS B 141 -7.03 14.01 36.36
CA CYS B 141 -6.63 15.26 35.72
C CYS B 141 -7.56 15.48 34.54
N ARG B 142 -8.49 16.42 34.69
CA ARG B 142 -9.41 16.78 33.62
C ARG B 142 -9.48 18.30 33.62
N PHE B 143 -8.89 18.93 32.60
CA PHE B 143 -8.77 20.39 32.49
C PHE B 143 -8.25 21.02 33.79
N VAL B 144 -7.10 20.54 34.23
CA VAL B 144 -6.51 21.03 35.47
C VAL B 144 -5.63 22.23 35.15
N SER B 145 -5.65 23.23 36.03
CA SER B 145 -4.80 24.39 35.83
C SER B 145 -3.35 24.06 36.15
N GLU B 146 -2.43 24.86 35.58
CA GLU B 146 -1.02 24.68 35.87
C GLU B 146 -0.75 24.84 37.37
N ASP B 147 -1.48 25.75 38.03
CA ASP B 147 -1.26 25.97 39.46
C ASP B 147 -1.62 24.76 40.29
N GLU B 148 -2.60 23.95 39.85
CA GLU B 148 -3.06 22.80 40.62
C GLU B 148 -2.52 21.46 40.12
N ALA B 149 -1.74 21.46 39.03
CA ALA B 149 -1.37 20.20 38.38
C ALA B 149 -0.51 19.31 39.28
N LEU B 150 0.51 19.89 39.92
CA LEU B 150 1.45 19.04 40.65
C LEU B 150 0.78 18.36 41.83
N SER B 151 -0.28 18.95 42.37
CA SER B 151 -1.00 18.32 43.47
C SER B 151 -1.74 17.06 43.03
N LYS B 152 -1.84 16.82 41.72
CA LYS B 152 -2.46 15.60 41.23
C LYS B 152 -1.47 14.45 41.08
N VAL B 153 -0.21 14.65 41.44
CA VAL B 153 0.85 13.66 41.18
C VAL B 153 0.97 12.74 42.39
N ALA B 154 0.97 11.43 42.12
CA ALA B 154 1.25 10.43 43.16
C ALA B 154 2.74 10.26 43.42
N GLY B 155 3.56 10.33 42.38
CA GLY B 155 4.98 10.19 42.56
C GLY B 155 5.69 10.15 41.23
N TYR B 156 7.00 9.99 41.29
CA TYR B 156 7.85 10.03 40.12
C TYR B 156 8.58 8.71 39.96
N VAL B 157 8.91 8.37 38.71
CA VAL B 157 9.58 7.11 38.39
C VAL B 157 10.60 7.32 37.27
N LEU B 158 11.64 6.50 37.30
CA LEU B 158 12.62 6.45 36.21
C LEU B 158 12.07 5.62 35.04
N VAL B 159 12.29 6.12 33.82
CA VAL B 159 11.78 5.48 32.60
C VAL B 159 12.86 5.47 31.53
N ASN B 160 12.87 4.42 30.72
CA ASN B 160 13.62 4.39 29.46
C ASN B 160 12.59 4.29 28.34
N ASP B 161 12.47 5.34 27.53
CA ASP B 161 11.54 5.37 26.37
C ASP B 161 12.25 4.76 25.16
N VAL B 162 12.44 3.43 25.23
CA VAL B 162 13.18 2.74 24.17
C VAL B 162 12.43 2.89 22.86
N SER B 163 13.19 3.13 21.79
CA SER B 163 12.59 3.54 20.52
C SER B 163 13.25 2.78 19.37
N GLU B 164 12.45 2.49 18.36
CA GLU B 164 12.94 1.98 17.08
C GLU B 164 12.76 3.10 16.07
N ARG B 165 13.87 3.75 15.67
CA ARG B 165 13.76 5.00 14.93
C ARG B 165 13.21 4.79 13.50
N PHE B 166 13.48 3.63 12.90
CA PHE B 166 12.93 3.34 11.59
C PHE B 166 11.42 3.16 11.66
N ASN B 167 10.95 2.33 12.60
CA ASN B 167 9.53 2.16 12.79
C ASN B 167 8.85 3.45 13.24
N GLN B 168 9.58 4.30 13.95
CA GLN B 168 9.01 5.54 14.46
C GLN B 168 8.79 6.56 13.35
N LYS B 169 9.72 6.66 12.40
CA LYS B 169 9.74 7.76 11.46
C LYS B 169 9.68 7.37 9.99
N GLN B 170 9.92 6.11 9.64
CA GLN B 170 10.03 5.72 8.24
C GLN B 170 8.94 4.74 7.81
N ARG B 171 7.90 4.57 8.64
CA ARG B 171 6.73 3.78 8.29
C ARG B 171 5.44 4.59 8.46
N GLY B 172 5.53 5.90 8.20
CA GLY B 172 4.43 6.82 8.43
C GLY B 172 4.83 7.93 9.37
N THR B 173 3.86 8.80 9.63
CA THR B 173 4.08 9.99 10.45
C THR B 173 3.84 9.78 11.93
N GLN B 174 3.24 8.65 12.35
CA GLN B 174 2.85 8.48 13.74
C GLN B 174 3.96 7.77 14.49
N TRP B 175 4.53 8.45 15.49
CA TRP B 175 5.67 7.94 16.25
C TRP B 175 5.38 6.65 17.01
N SER B 176 4.13 6.43 17.42
CA SER B 176 3.86 5.31 18.32
C SER B 176 4.21 3.97 17.69
N LYS B 177 4.27 3.89 16.35
CA LYS B 177 4.62 2.65 15.68
C LYS B 177 6.04 2.17 16.01
N GLY B 178 6.93 3.07 16.42
CA GLY B 178 8.27 2.68 16.82
C GLY B 178 8.48 2.72 18.30
N LYS B 179 7.42 2.88 19.10
CA LYS B 179 7.53 3.10 20.54
C LYS B 179 6.85 2.04 21.38
N GLY B 180 5.99 1.21 20.79
CA GLY B 180 5.17 0.29 21.54
C GLY B 180 5.64 -1.14 21.61
N HIS B 181 6.82 -1.44 21.05
CA HIS B 181 7.33 -2.82 21.04
C HIS B 181 7.40 -3.40 22.44
N ASP B 182 7.14 -4.71 22.55
CA ASP B 182 7.45 -5.45 23.77
C ASP B 182 8.80 -5.02 24.32
N THR B 183 8.84 -4.77 25.62
CA THR B 183 10.01 -4.47 26.46
C THR B 183 10.52 -3.05 26.28
N PHE B 184 9.86 -2.18 25.50
CA PHE B 184 10.43 -0.86 25.22
C PHE B 184 10.05 0.22 26.23
N CYS B 185 9.46 -0.14 27.38
CA CYS B 185 9.17 0.85 28.43
C CYS B 185 9.53 0.33 29.82
N PRO B 186 10.82 0.13 30.09
CA PRO B 186 11.25 -0.16 31.47
C PRO B 186 10.88 0.98 32.42
N VAL B 187 10.25 0.64 33.53
CA VAL B 187 9.78 1.63 34.51
C VAL B 187 10.19 1.20 35.90
N GLY B 188 10.86 2.09 36.65
CA GLY B 188 11.21 1.81 38.02
C GLY B 188 12.68 2.13 38.27
N PRO B 189 13.22 1.69 39.42
CA PRO B 189 12.67 0.69 40.35
C PRO B 189 11.76 1.22 41.46
N TRP B 190 11.66 2.54 41.64
CA TRP B 190 10.92 3.11 42.74
C TRP B 190 9.87 4.10 42.26
N LEU B 191 8.71 4.05 42.91
CA LEU B 191 7.77 5.16 42.90
C LEU B 191 8.12 6.03 44.09
N VAL B 192 8.59 7.24 43.81
CA VAL B 192 9.10 8.12 44.87
C VAL B 192 8.11 9.26 45.04
N THR B 193 7.59 9.41 46.26
CA THR B 193 6.53 10.38 46.49
C THR B 193 7.08 11.80 46.40
N PRO B 194 6.21 12.78 46.15
CA PRO B 194 6.71 14.13 45.85
C PRO B 194 7.46 14.78 47.02
N ASP B 195 7.08 14.48 48.26
CA ASP B 195 7.77 15.10 49.39
C ASP B 195 9.25 14.74 49.44
N GLU B 196 9.61 13.56 48.94
CA GLU B 196 11.02 13.17 48.87
C GLU B 196 11.71 13.68 47.61
N VAL B 197 10.99 13.73 46.50
CA VAL B 197 11.59 14.20 45.24
C VAL B 197 11.94 15.68 45.32
N GLY B 198 11.11 16.47 45.99
CA GLY B 198 11.28 17.91 45.95
C GLY B 198 10.82 18.49 44.63
N ASP B 199 11.52 19.51 44.16
CA ASP B 199 11.24 20.14 42.86
C ASP B 199 11.55 19.17 41.73
N PRO B 200 10.55 18.70 40.97
CA PRO B 200 10.86 17.80 39.84
C PRO B 200 11.69 18.45 38.76
N GLN B 201 11.83 19.78 38.78
CA GLN B 201 12.56 20.50 37.75
C GLN B 201 14.00 20.80 38.16
N ASP B 202 14.57 20.03 39.08
CA ASP B 202 15.98 20.11 39.44
C ASP B 202 16.50 18.71 39.76
N LEU B 203 16.50 17.84 38.75
CA LEU B 203 17.01 16.48 38.89
C LEU B 203 18.04 16.19 37.81
N ASP B 204 19.20 15.69 38.23
CA ASP B 204 20.18 15.25 37.25
C ASP B 204 19.71 13.98 36.57
N VAL B 205 20.01 13.86 35.27
CA VAL B 205 19.55 12.76 34.43
C VAL B 205 20.76 12.21 33.66
N HIS B 206 20.85 10.89 33.53
CA HIS B 206 21.94 10.31 32.74
C HIS B 206 21.60 8.94 32.20
N LEU B 207 22.30 8.58 31.11
CA LEU B 207 22.21 7.23 30.54
C LEU B 207 23.54 6.86 29.90
N ASP B 208 24.01 5.65 30.18
CA ASP B 208 25.20 5.08 29.56
C ASP B 208 24.86 3.83 28.79
N VAL B 209 25.65 3.58 27.75
CA VAL B 209 25.58 2.36 26.94
C VAL B 209 26.95 1.70 27.00
N ASN B 210 27.00 0.49 27.55
CA ASN B 210 28.24 -0.26 27.73
C ASN B 210 29.25 0.54 28.56
N GLY B 211 28.74 1.29 29.54
CA GLY B 211 29.55 2.07 30.44
C GLY B 211 30.05 3.37 29.86
N GLU B 212 29.67 3.71 28.64
CA GLU B 212 30.04 4.95 27.96
C GLU B 212 28.86 5.91 28.05
N ARG B 213 29.11 7.10 28.61
CA ARG B 213 28.04 8.07 28.84
C ARG B 213 27.48 8.58 27.51
N MET B 214 26.17 8.45 27.32
CA MET B 214 25.50 8.89 26.10
C MET B 214 24.64 10.13 26.33
N GLN B 215 23.85 10.14 27.39
CA GLN B 215 22.95 11.23 27.71
C GLN B 215 23.31 11.81 29.08
N THR B 216 23.44 13.14 29.13
CA THR B 216 23.58 13.88 30.38
C THR B 216 22.63 15.07 30.33
N GLY B 217 21.91 15.32 31.42
CA GLY B 217 21.08 16.49 31.47
C GLY B 217 20.55 16.71 32.86
N ASN B 218 19.57 17.60 32.94
CA ASN B 218 18.91 17.98 34.17
C ASN B 218 17.53 18.48 33.78
N THR B 219 16.52 18.11 34.57
CA THR B 219 15.15 18.45 34.22
C THR B 219 14.88 19.95 34.22
N LYS B 220 15.82 20.77 34.67
CA LYS B 220 15.61 22.21 34.62
C LYS B 220 15.44 22.71 33.18
N THR B 221 16.00 22.01 32.19
CA THR B 221 15.91 22.47 30.81
C THR B 221 14.70 21.91 30.06
N MET B 222 13.72 21.38 30.78
CA MET B 222 12.49 20.96 30.12
C MET B 222 11.80 22.16 29.51
N ILE B 223 11.27 21.98 28.30
CA ILE B 223 10.58 23.08 27.64
C ILE B 223 9.24 23.34 28.30
N PHE B 224 8.45 22.28 28.45
CA PHE B 224 7.22 22.28 29.25
C PHE B 224 7.51 21.49 30.51
N ASN B 225 7.34 22.13 31.67
CA ASN B 225 7.60 21.43 32.91
C ASN B 225 6.44 20.47 33.23
N VAL B 226 6.60 19.69 34.31
CA VAL B 226 5.60 18.68 34.64
C VAL B 226 4.23 19.32 34.84
N ALA B 227 4.17 20.46 35.53
CA ALA B 227 2.87 21.09 35.73
C ALA B 227 2.27 21.59 34.41
N GLN B 228 3.09 22.15 33.53
CA GLN B 228 2.60 22.60 32.23
C GLN B 228 2.11 21.42 31.39
N LEU B 229 2.85 20.30 31.46
CA LEU B 229 2.48 19.11 30.71
C LEU B 229 1.16 18.52 31.19
N ILE B 230 1.02 18.34 32.51
CA ILE B 230 -0.21 17.78 33.06
C ILE B 230 -1.40 18.67 32.68
N SER B 231 -1.25 19.99 32.80
CA SER B 231 -2.36 20.89 32.49
C SER B 231 -2.75 20.78 31.02
N TYR B 232 -1.76 20.77 30.13
CA TYR B 232 -2.05 20.72 28.70
C TYR B 232 -2.69 19.39 28.32
N VAL B 233 -2.05 18.28 28.72
CA VAL B 233 -2.55 16.95 28.34
C VAL B 233 -4.00 16.76 28.78
N SER B 234 -4.33 17.24 29.99
CA SER B 234 -5.66 17.05 30.57
C SER B 234 -6.77 17.78 29.79
N GLU B 235 -6.43 18.62 28.82
CA GLU B 235 -7.43 19.24 27.96
C GLU B 235 -7.81 18.35 26.79
N TYR B 236 -7.00 17.33 26.52
CA TYR B 236 -7.18 16.45 25.38
C TYR B 236 -7.46 15.01 25.78
N ILE B 237 -6.90 14.56 26.89
CA ILE B 237 -6.97 13.17 27.32
C ILE B 237 -7.03 13.19 28.84
N THR B 238 -8.08 12.63 29.41
CA THR B 238 -8.19 12.57 30.86
C THR B 238 -7.16 11.60 31.42
N LEU B 239 -6.43 12.03 32.44
CA LEU B 239 -5.51 11.16 33.16
C LEU B 239 -6.18 10.68 34.44
N TYR B 240 -6.24 9.38 34.61
CA TYR B 240 -6.83 8.76 35.79
C TYR B 240 -5.74 8.29 36.74
N PRO B 241 -6.07 8.10 38.02
CA PRO B 241 -5.04 7.64 38.97
C PRO B 241 -4.40 6.36 38.49
N GLY B 242 -3.07 6.31 38.55
CA GLY B 242 -2.30 5.20 38.06
C GLY B 242 -1.71 5.41 36.68
N ASP B 243 -2.22 6.37 35.93
CA ASP B 243 -1.69 6.66 34.60
C ASP B 243 -0.26 7.18 34.68
N LEU B 244 0.54 6.85 33.68
CA LEU B 244 1.93 7.27 33.60
C LEU B 244 2.12 8.30 32.48
N MET B 245 2.82 9.40 32.77
CA MET B 245 3.21 10.34 31.74
C MET B 245 4.73 10.37 31.67
N ILE B 246 5.29 10.18 30.47
CA ILE B 246 6.75 10.19 30.30
C ILE B 246 7.11 11.46 29.52
N THR B 247 8.06 12.23 30.06
CA THR B 247 8.07 13.67 29.80
C THR B 247 9.17 14.13 28.84
N GLY B 248 9.77 13.22 28.08
CA GLY B 248 10.78 13.58 27.11
C GLY B 248 12.18 13.30 27.60
N THR B 249 13.16 13.52 26.71
CA THR B 249 14.52 13.07 26.97
C THR B 249 15.55 14.14 26.66
N PRO B 250 16.61 14.24 27.46
CA PRO B 250 17.66 15.24 27.19
C PRO B 250 18.48 14.86 25.97
N PRO B 251 19.42 15.70 25.54
CA PRO B 251 20.21 15.34 24.35
C PRO B 251 21.02 14.07 24.58
N GLY B 252 21.53 13.51 23.48
CA GLY B 252 22.42 12.38 23.54
C GLY B 252 21.86 11.04 23.09
N VAL B 253 20.68 11.04 22.44
CA VAL B 253 20.14 9.81 21.89
C VAL B 253 21.04 9.35 20.74
N GLY B 254 21.05 8.04 20.51
CA GLY B 254 21.90 7.47 19.48
C GLY B 254 21.64 8.03 18.10
N GLU B 255 20.38 8.39 17.81
CA GLU B 255 20.02 8.93 16.50
C GLU B 255 20.72 10.25 16.20
N GLY B 256 21.10 11.00 17.23
CA GLY B 256 21.72 12.29 17.05
C GLY B 256 23.23 12.31 17.14
N LYS B 257 23.87 11.15 17.31
CA LYS B 257 25.31 11.12 17.46
C LYS B 257 26.01 11.51 16.16
N LYS B 258 27.14 12.21 16.28
CA LYS B 258 27.94 12.63 15.14
C LYS B 258 29.37 12.15 15.31
N PRO B 259 30.06 11.77 14.20
CA PRO B 259 29.68 11.90 12.78
C PRO B 259 28.52 11.03 12.32
N GLN B 260 28.39 9.82 12.88
CA GLN B 260 27.30 8.92 12.49
C GLN B 260 26.44 8.57 13.69
N ALA B 261 25.18 8.29 13.41
CA ALA B 261 24.28 7.83 14.47
C ALA B 261 24.72 6.46 14.99
N ILE B 262 24.43 6.20 16.26
CA ILE B 262 24.79 4.97 16.93
C ILE B 262 23.51 4.32 17.44
N TYR B 263 23.34 3.03 17.18
CA TYR B 263 22.12 2.36 17.58
C TYR B 263 22.43 1.16 18.45
N LEU B 264 21.38 0.68 19.12
CA LEU B 264 21.50 -0.48 19.99
C LEU B 264 21.77 -1.75 19.17
N LYS B 265 22.56 -2.64 19.75
CA LYS B 265 22.82 -3.93 19.14
C LYS B 265 22.77 -5.00 20.23
N ALA B 266 22.60 -6.25 19.80
CA ALA B 266 22.56 -7.36 20.74
C ALA B 266 23.83 -7.39 21.59
N GLY B 267 23.65 -7.61 22.89
CA GLY B 267 24.75 -7.62 23.83
C GLY B 267 25.03 -6.29 24.50
N ASP B 268 24.43 -5.20 24.04
CA ASP B 268 24.59 -3.91 24.70
C ASP B 268 23.95 -3.93 26.09
N VAL B 269 24.47 -3.08 26.96
CA VAL B 269 23.92 -2.91 28.31
C VAL B 269 23.62 -1.44 28.50
N MET B 270 22.35 -1.11 28.77
CA MET B 270 21.95 0.26 29.06
C MET B 270 21.88 0.46 30.57
N GLU B 271 22.51 1.52 31.05
CA GLU B 271 22.45 1.90 32.46
C GLU B 271 22.03 3.36 32.55
N LEU B 272 21.03 3.64 33.38
CA LEU B 272 20.52 5.00 33.43
C LEU B 272 20.05 5.28 34.84
N GLY B 273 19.93 6.56 35.15
CA GLY B 273 19.48 6.99 36.45
C GLY B 273 18.98 8.42 36.42
N ILE B 274 18.08 8.73 37.34
CA ILE B 274 17.68 10.10 37.60
C ILE B 274 17.81 10.33 39.09
N GLU B 275 18.39 11.47 39.45
CA GLU B 275 18.53 11.89 40.84
C GLU B 275 17.27 11.62 41.64
N LYS B 276 17.43 10.88 42.74
CA LYS B 276 16.43 10.51 43.73
C LYS B 276 15.52 9.37 43.26
N LEU B 277 15.62 8.91 42.01
CA LEU B 277 14.71 7.91 41.47
C LEU B 277 15.38 6.58 41.22
N GLY B 278 16.63 6.40 41.63
CA GLY B 278 17.27 5.12 41.46
C GLY B 278 17.94 4.94 40.10
N THR B 279 18.16 3.67 39.75
CA THR B 279 18.86 3.30 38.53
C THR B 279 18.22 2.09 37.87
N GLN B 280 18.44 1.98 36.55
CA GLN B 280 18.05 0.83 35.75
C GLN B 280 19.27 0.26 35.06
N ARG B 281 19.23 -1.05 34.79
CA ARG B 281 20.22 -1.73 33.95
C ARG B 281 19.52 -2.78 33.11
N GLN B 282 19.57 -2.64 31.79
CA GLN B 282 18.94 -3.57 30.87
C GLN B 282 19.98 -4.17 29.93
N GLN B 283 19.94 -5.49 29.82
CA GLN B 283 20.62 -6.20 28.75
C GLN B 283 19.77 -6.14 27.47
N VAL B 284 20.41 -5.90 26.34
CA VAL B 284 19.74 -5.85 25.03
C VAL B 284 19.99 -7.14 24.29
N SER B 285 18.93 -7.75 23.76
CA SER B 285 19.05 -9.01 23.04
C SER B 285 18.44 -8.89 21.65
N GLU B 286 18.93 -9.71 20.73
CA GLU B 286 18.34 -9.76 19.41
C GLU B 286 16.91 -10.31 19.50
N TRP B 287 16.14 -10.09 18.44
CA TRP B 287 14.75 -10.54 18.42
C TRP B 287 14.66 -12.04 18.52
N ARG B 288 13.65 -12.49 19.26
CA ARG B 288 13.15 -13.85 19.21
C ARG B 288 11.65 -13.77 19.43
N HIS B 289 10.95 -14.82 19.03
CA HIS B 289 9.51 -14.82 19.29
C HIS B 289 9.27 -15.04 20.77
N LEU B 290 8.57 -14.09 21.41
CA LEU B 290 8.43 -14.11 22.85
C LEU B 290 7.22 -14.93 23.32
N GLY B 291 6.55 -15.62 22.40
CA GLY B 291 5.57 -16.62 22.81
C GLY B 291 4.30 -16.00 23.39
N ASP B 292 3.77 -16.64 24.43
CA ASP B 292 2.56 -16.19 25.09
C ASP B 292 2.85 -15.32 26.31
N GLU B 293 4.09 -14.87 26.45
CA GLU B 293 4.48 -14.05 27.58
C GLU B 293 3.64 -12.77 27.64
N VAL B 294 3.22 -12.40 28.84
CA VAL B 294 2.50 -11.15 29.09
C VAL B 294 3.39 -10.30 29.98
N PHE B 295 3.94 -9.23 29.43
CA PHE B 295 4.90 -8.42 30.16
C PHE B 295 4.20 -7.47 31.13
N GLY B 296 4.81 -6.32 31.40
CA GLY B 296 4.20 -5.34 32.30
C GLY B 296 4.57 -5.51 33.76
N HIS C 7 -11.71 -31.41 -31.40
CA HIS C 7 -12.34 -30.73 -30.28
C HIS C 7 -12.22 -31.53 -28.99
N HIS C 8 -11.19 -32.37 -28.90
CA HIS C 8 -10.99 -33.19 -27.71
C HIS C 8 -10.59 -32.31 -26.54
N HIS C 9 -10.77 -32.83 -25.34
CA HIS C 9 -10.47 -32.10 -24.12
C HIS C 9 -9.29 -32.72 -23.36
N HIS C 10 -8.28 -33.20 -24.09
CA HIS C 10 -7.09 -33.77 -23.46
C HIS C 10 -5.93 -32.79 -23.37
N GLY C 11 -6.00 -31.67 -24.07
CA GLY C 11 -4.92 -30.70 -24.06
C GLY C 11 -3.86 -31.00 -25.10
N SER C 12 -3.01 -30.00 -25.33
CA SER C 12 -2.01 -30.05 -26.38
C SER C 12 -0.80 -29.25 -25.94
N LYS C 13 0.36 -29.62 -26.46
CA LYS C 13 1.60 -28.84 -26.31
C LYS C 13 2.02 -28.36 -27.69
N PHE C 14 1.71 -27.11 -28.00
CA PHE C 14 2.02 -26.54 -29.30
C PHE C 14 3.37 -25.85 -29.28
N CYS C 15 4.02 -25.83 -30.45
CA CYS C 15 5.30 -25.13 -30.57
C CYS C 15 5.46 -24.61 -31.98
N ARG C 16 6.53 -23.86 -32.18
CA ARG C 16 6.93 -23.37 -33.51
C ARG C 16 8.41 -23.62 -33.64
N PHE C 17 8.82 -24.28 -34.72
CA PHE C 17 10.19 -24.74 -34.84
C PHE C 17 10.80 -24.26 -36.15
N GLY C 18 12.09 -23.98 -36.10
CA GLY C 18 12.85 -23.52 -37.23
C GLY C 18 13.65 -22.27 -36.91
N GLN C 19 14.34 -21.78 -37.94
CA GLN C 19 15.15 -20.58 -37.76
C GLN C 19 14.27 -19.36 -37.60
N ARG C 20 14.85 -18.31 -37.00
CA ARG C 20 14.12 -17.07 -36.77
C ARG C 20 13.51 -16.55 -38.07
N GLY C 21 12.21 -16.25 -38.02
CA GLY C 21 11.49 -15.75 -39.18
C GLY C 21 10.99 -16.83 -40.12
N GLN C 22 11.41 -18.08 -39.95
CA GLN C 22 11.04 -19.17 -40.84
C GLN C 22 10.35 -20.32 -40.10
N GLU C 23 9.82 -20.06 -38.91
CA GLU C 23 9.28 -21.14 -38.09
C GLU C 23 8.01 -21.71 -38.71
N LYS C 24 7.80 -23.02 -38.45
CA LYS C 24 6.67 -23.85 -38.81
C LYS C 24 5.92 -24.31 -37.56
N PRO C 25 4.62 -24.52 -37.66
CA PRO C 25 3.84 -24.93 -36.48
C PRO C 25 4.00 -26.42 -36.17
N GLY C 26 4.03 -26.73 -34.86
CA GLY C 26 4.24 -28.09 -34.44
C GLY C 26 3.50 -28.42 -33.16
N ILE C 27 3.50 -29.72 -32.83
CA ILE C 27 2.90 -30.21 -31.60
C ILE C 27 3.80 -31.28 -31.02
N ILE C 28 3.90 -31.33 -29.70
CA ILE C 28 4.78 -32.27 -29.01
C ILE C 28 3.99 -33.53 -28.71
N ASP C 29 4.52 -34.68 -29.13
CA ASP C 29 3.84 -35.93 -28.85
C ASP C 29 4.29 -36.50 -27.49
N ALA C 30 3.71 -37.63 -27.11
CA ALA C 30 3.96 -38.21 -25.79
C ALA C 30 5.41 -38.61 -25.58
N ASP C 31 6.16 -38.89 -26.64
CA ASP C 31 7.55 -39.30 -26.52
C ASP C 31 8.48 -38.11 -26.45
N GLY C 32 7.95 -36.91 -26.65
CA GLY C 32 8.77 -35.71 -26.69
C GLY C 32 9.24 -35.30 -28.07
N ASN C 33 8.82 -36.00 -29.13
CA ASN C 33 9.18 -35.59 -30.48
C ASN C 33 8.31 -34.43 -30.92
N ILE C 34 8.86 -33.61 -31.83
CA ILE C 34 8.04 -32.61 -32.51
C ILE C 34 7.36 -33.27 -33.69
N ARG C 35 6.06 -33.02 -33.85
CA ARG C 35 5.32 -33.40 -35.04
C ARG C 35 4.94 -32.15 -35.82
N ASP C 36 5.10 -32.22 -37.15
CA ASP C 36 4.82 -31.09 -38.03
C ASP C 36 3.33 -30.90 -38.26
N LEU C 37 2.82 -29.70 -37.98
CA LEU C 37 1.42 -29.35 -38.19
C LEU C 37 1.16 -28.64 -39.51
N SER C 38 2.18 -28.50 -40.36
CA SER C 38 2.05 -27.64 -41.55
C SER C 38 0.96 -28.11 -42.48
N GLY C 39 0.68 -29.41 -42.52
CA GLY C 39 -0.39 -29.93 -43.35
C GLY C 39 -1.78 -29.67 -42.80
N VAL C 40 -1.88 -29.17 -41.57
CA VAL C 40 -3.16 -28.90 -40.92
C VAL C 40 -3.42 -27.40 -40.81
N VAL C 41 -2.43 -26.63 -40.35
CA VAL C 41 -2.54 -25.18 -40.28
C VAL C 41 -1.28 -24.54 -40.84
N PRO C 42 -1.38 -23.41 -41.54
CA PRO C 42 -0.17 -22.74 -42.01
C PRO C 42 0.66 -22.17 -40.87
N GLU C 43 0.02 -21.69 -39.80
CA GLU C 43 0.70 -20.97 -38.73
C GLU C 43 0.10 -21.38 -37.39
N LEU C 44 0.91 -21.25 -36.33
CA LEU C 44 0.40 -21.47 -34.97
C LEU C 44 -0.02 -20.11 -34.41
N THR C 45 -1.21 -19.69 -34.79
CA THR C 45 -1.84 -18.49 -34.26
C THR C 45 -2.97 -18.89 -33.32
N ILE C 46 -3.50 -17.92 -32.58
CA ILE C 46 -4.63 -18.22 -31.70
C ILE C 46 -5.80 -18.73 -32.52
N ASP C 47 -6.02 -18.14 -33.69
CA ASP C 47 -7.15 -18.56 -34.53
C ASP C 47 -6.98 -19.99 -35.02
N ALA C 48 -5.74 -20.46 -35.14
CA ALA C 48 -5.48 -21.80 -35.66
C ALA C 48 -5.59 -22.88 -34.60
N LEU C 49 -5.85 -22.53 -33.34
CA LEU C 49 -5.77 -23.54 -32.28
C LEU C 49 -6.85 -24.60 -32.42
N ALA C 50 -8.06 -24.21 -32.82
CA ALA C 50 -9.15 -25.18 -32.94
C ALA C 50 -8.82 -26.24 -33.97
N ALA C 51 -8.32 -25.81 -35.14
CA ALA C 51 -7.91 -26.77 -36.16
C ALA C 51 -6.71 -27.59 -35.72
N ALA C 52 -5.74 -26.95 -35.06
CA ALA C 52 -4.57 -27.69 -34.59
C ALA C 52 -4.93 -28.70 -33.51
N LYS C 53 -5.90 -28.37 -32.64
CA LYS C 53 -6.30 -29.33 -31.61
C LYS C 53 -6.94 -30.57 -32.23
N GLY C 54 -7.66 -30.40 -33.35
CA GLY C 54 -8.33 -31.53 -33.97
C GLY C 54 -7.43 -32.44 -34.78
N ALA C 55 -6.20 -32.01 -35.07
CA ALA C 55 -5.29 -32.83 -35.84
C ALA C 55 -4.98 -34.13 -35.11
N ASP C 56 -4.98 -35.24 -35.87
CA ASP C 56 -4.69 -36.57 -35.33
C ASP C 56 -3.17 -36.73 -35.21
N ILE C 57 -2.68 -36.76 -33.97
CA ILE C 57 -1.24 -36.72 -33.72
C ILE C 57 -0.52 -37.87 -34.41
N ALA C 58 -1.15 -39.05 -34.45
CA ALA C 58 -0.49 -40.21 -35.05
C ALA C 58 -0.23 -40.02 -36.54
N LEU C 59 -1.02 -39.18 -37.20
CA LEU C 59 -0.89 -38.98 -38.64
C LEU C 59 0.11 -37.89 -39.01
N LEU C 60 0.68 -37.20 -38.03
CA LEU C 60 1.55 -36.08 -38.39
C LEU C 60 3.00 -36.55 -38.53
N PRO C 61 3.74 -35.96 -39.47
CA PRO C 61 5.13 -36.38 -39.67
C PRO C 61 6.02 -35.99 -38.50
N LEU C 62 6.92 -36.90 -38.15
CA LEU C 62 7.95 -36.58 -37.18
C LEU C 62 8.93 -35.58 -37.78
N VAL C 63 9.33 -34.59 -36.99
CA VAL C 63 10.31 -33.60 -37.43
C VAL C 63 11.71 -34.15 -37.20
N GLU C 64 12.52 -34.12 -38.24
CA GLU C 64 13.88 -34.65 -38.17
C GLU C 64 14.83 -33.59 -37.64
N GLY C 65 15.91 -34.06 -37.02
CA GLY C 65 16.93 -33.17 -36.51
C GLY C 65 16.56 -32.60 -35.16
N GLU C 66 17.21 -31.49 -34.83
CA GLU C 66 16.97 -30.75 -33.61
C GLU C 66 16.78 -29.28 -33.97
N PRO C 67 15.65 -28.91 -34.55
CA PRO C 67 15.42 -27.52 -34.93
C PRO C 67 15.32 -26.64 -33.69
N ARG C 68 15.63 -25.37 -33.89
CA ARG C 68 15.40 -24.35 -32.88
C ARG C 68 13.91 -24.23 -32.59
N TYR C 69 13.59 -23.97 -31.32
CA TYR C 69 12.23 -23.58 -30.93
C TYR C 69 12.11 -22.06 -31.02
N GLY C 70 11.06 -21.59 -31.68
CA GLY C 70 10.71 -20.19 -31.65
C GLY C 70 9.73 -19.90 -30.52
N VAL C 71 9.32 -18.64 -30.45
CA VAL C 71 8.16 -18.32 -29.61
C VAL C 71 7.01 -19.24 -30.03
N PRO C 72 6.32 -19.92 -29.10
CA PRO C 72 5.40 -21.00 -29.52
C PRO C 72 4.10 -20.53 -30.14
N VAL C 73 3.74 -19.26 -30.02
CA VAL C 73 2.54 -18.77 -30.69
C VAL C 73 2.89 -17.47 -31.40
N LYS C 74 2.31 -17.27 -32.58
CA LYS C 74 2.57 -16.10 -33.39
C LYS C 74 1.50 -15.04 -33.14
N GLY C 75 1.92 -13.78 -33.17
CA GLY C 75 0.97 -12.68 -33.06
C GLY C 75 0.70 -12.17 -31.66
N ILE C 76 1.64 -12.37 -30.73
CA ILE C 76 1.50 -11.77 -29.39
C ILE C 76 1.54 -10.26 -29.55
N GLY C 77 0.46 -9.59 -29.15
CA GLY C 77 0.31 -8.17 -29.36
C GLY C 77 0.97 -7.30 -28.30
N LYS C 78 0.92 -7.73 -27.05
CA LYS C 78 1.54 -6.98 -25.97
C LYS C 78 1.77 -7.93 -24.81
N ILE C 79 2.61 -7.50 -23.87
CA ILE C 79 2.96 -8.30 -22.71
C ILE C 79 2.69 -7.48 -21.46
N VAL C 80 1.80 -7.95 -20.60
CA VAL C 80 1.51 -7.31 -19.32
C VAL C 80 2.25 -8.07 -18.23
N ALA C 81 2.96 -7.34 -17.37
CA ALA C 81 3.79 -7.98 -16.36
C ALA C 81 3.28 -7.66 -14.95
N ILE C 82 3.44 -8.63 -14.05
CA ILE C 82 3.03 -8.50 -12.65
C ILE C 82 4.28 -8.42 -11.78
N GLY C 83 4.28 -7.50 -10.82
CA GLY C 83 5.37 -7.35 -9.89
C GLY C 83 4.98 -7.85 -8.50
N LEU C 84 5.96 -8.43 -7.80
CA LEU C 84 5.83 -8.91 -6.42
C LEU C 84 4.54 -9.69 -6.22
N ASN C 85 4.50 -10.87 -6.82
CA ASN C 85 3.34 -11.76 -6.68
C ASN C 85 3.66 -13.06 -5.97
N TYR C 86 4.85 -13.17 -5.36
CA TYR C 86 5.18 -14.20 -4.40
C TYR C 86 5.76 -13.48 -3.19
N GLU C 87 5.23 -13.78 -2.00
CA GLU C 87 5.50 -12.95 -0.82
C GLU C 87 6.99 -12.91 -0.49
N ASP C 88 7.66 -14.06 -0.54
CA ASP C 88 9.08 -14.10 -0.22
C ASP C 88 9.91 -13.29 -1.21
N HIS C 89 9.44 -13.13 -2.45
CA HIS C 89 10.17 -12.28 -3.38
C HIS C 89 10.08 -10.82 -2.99
N ALA C 90 8.93 -10.38 -2.47
CA ALA C 90 8.82 -9.00 -2.02
C ALA C 90 9.65 -8.75 -0.77
N ILE C 91 9.72 -9.74 0.13
CA ILE C 91 10.50 -9.60 1.35
C ILE C 91 12.00 -9.53 1.03
N GLU C 92 12.46 -10.36 0.09
CA GLU C 92 13.85 -10.31 -0.35
C GLU C 92 14.17 -9.03 -1.10
N SER C 93 13.16 -8.35 -1.63
CA SER C 93 13.31 -7.05 -2.27
C SER C 93 13.23 -5.89 -1.29
N ASN C 94 12.97 -6.17 -0.01
CA ASN C 94 12.74 -5.15 1.01
C ASN C 94 11.60 -4.21 0.61
N LEU C 95 10.49 -4.79 0.18
CA LEU C 95 9.25 -4.10 -0.15
C LEU C 95 8.08 -4.88 0.41
N PRO C 96 6.98 -4.20 0.74
CA PRO C 96 5.85 -4.87 1.39
C PRO C 96 4.99 -5.66 0.41
N ILE C 97 4.19 -6.54 1.01
CA ILE C 97 3.25 -7.40 0.27
C ILE C 97 2.14 -6.55 -0.33
N PRO C 98 1.82 -6.69 -1.60
CA PRO C 98 0.86 -5.79 -2.24
C PRO C 98 -0.57 -6.08 -1.81
N THR C 99 -1.35 -5.01 -1.74
CA THR C 99 -2.80 -5.12 -1.55
C THR C 99 -3.53 -5.35 -2.87
N GLU C 100 -2.93 -4.97 -3.98
CA GLU C 100 -3.50 -5.25 -5.28
C GLU C 100 -2.35 -5.54 -6.24
N PRO C 101 -2.62 -6.23 -7.35
CA PRO C 101 -1.55 -6.57 -8.27
C PRO C 101 -0.80 -5.35 -8.78
N MET C 102 0.51 -5.43 -8.74
CA MET C 102 1.33 -4.40 -9.33
C MET C 102 1.60 -4.76 -10.78
N MET C 103 1.28 -3.83 -11.68
CA MET C 103 1.33 -4.06 -13.12
C MET C 103 2.34 -3.11 -13.75
N PHE C 104 3.01 -3.60 -14.77
CA PHE C 104 3.78 -2.77 -15.68
C PHE C 104 3.80 -3.49 -17.02
N MET C 105 4.36 -2.84 -18.03
CA MET C 105 4.41 -3.47 -19.34
C MET C 105 5.82 -3.99 -19.63
N LYS C 106 5.89 -5.13 -20.29
CA LYS C 106 7.14 -5.68 -20.79
C LYS C 106 7.20 -5.40 -22.28
N ALA C 107 8.18 -4.61 -22.70
CA ALA C 107 8.19 -4.15 -24.09
C ALA C 107 8.22 -5.33 -25.05
N LEU C 108 7.37 -5.27 -26.07
CA LEU C 108 7.19 -6.40 -26.98
C LEU C 108 8.51 -6.78 -27.66
N SER C 109 9.37 -5.81 -27.92
CA SER C 109 10.63 -6.10 -28.58
C SER C 109 11.59 -6.93 -27.73
N SER C 110 11.29 -7.19 -26.45
CA SER C 110 12.12 -8.12 -25.68
C SER C 110 11.77 -9.58 -25.96
N LEU C 111 10.64 -9.85 -26.61
CA LEU C 111 10.23 -11.22 -26.87
C LEU C 111 11.33 -11.98 -27.61
N ASN C 112 11.55 -13.22 -27.22
CA ASN C 112 12.55 -14.05 -27.89
C ASN C 112 12.18 -15.50 -27.72
N GLY C 113 12.86 -16.34 -28.50
CA GLY C 113 12.70 -17.77 -28.41
C GLY C 113 13.19 -18.30 -27.08
N PRO C 114 12.71 -19.48 -26.71
CA PRO C 114 12.93 -19.98 -25.35
C PRO C 114 14.38 -20.26 -25.04
N ASN C 115 15.17 -20.64 -26.04
CA ASN C 115 16.57 -20.99 -25.84
C ASN C 115 17.50 -20.00 -26.54
N ASP C 116 16.98 -18.85 -26.93
CA ASP C 116 17.76 -17.88 -27.68
C ASP C 116 18.74 -17.14 -26.77
N GLU C 117 19.90 -16.82 -27.34
CA GLU C 117 20.91 -16.05 -26.63
C GLU C 117 20.33 -14.82 -25.94
N VAL C 118 20.76 -14.58 -24.69
CA VAL C 118 20.45 -13.36 -23.96
C VAL C 118 21.66 -12.45 -24.07
N VAL C 119 21.46 -11.28 -24.67
CA VAL C 119 22.52 -10.30 -24.87
C VAL C 119 22.37 -9.21 -23.82
N LEU C 120 23.38 -9.05 -22.97
CA LEU C 120 23.30 -8.03 -21.94
C LEU C 120 23.34 -6.63 -22.58
N PRO C 121 22.67 -5.65 -21.98
CA PRO C 121 22.76 -4.29 -22.52
C PRO C 121 24.11 -3.68 -22.18
N LYS C 122 24.34 -2.48 -22.72
CA LYS C 122 25.63 -1.83 -22.55
C LYS C 122 25.92 -1.59 -21.07
N ASN C 123 27.16 -1.90 -20.67
CA ASN C 123 27.65 -1.64 -19.31
C ASN C 123 26.86 -2.40 -18.25
N SER C 124 26.29 -3.56 -18.58
CA SER C 124 25.40 -4.23 -17.64
C SER C 124 26.20 -5.04 -16.63
N THR C 125 26.02 -4.73 -15.34
CA THR C 125 26.53 -5.56 -14.25
C THR C 125 25.43 -5.93 -13.25
N HIS C 126 24.16 -5.64 -13.58
CA HIS C 126 23.02 -5.95 -12.73
C HIS C 126 21.99 -6.80 -13.47
N GLY C 127 22.41 -7.53 -14.50
CA GLY C 127 21.49 -8.43 -15.18
C GLY C 127 21.05 -9.57 -14.25
N ASP C 128 19.77 -9.96 -14.36
CA ASP C 128 19.14 -10.81 -13.35
C ASP C 128 18.05 -11.66 -14.01
N TRP C 129 17.70 -12.77 -13.34
CA TRP C 129 16.81 -13.81 -13.86
C TRP C 129 15.49 -13.79 -13.10
N GLU C 130 14.39 -14.25 -13.75
CA GLU C 130 13.07 -14.35 -13.12
C GLU C 130 12.26 -15.41 -13.87
N VAL C 131 12.24 -16.65 -13.37
CA VAL C 131 11.33 -17.63 -13.95
C VAL C 131 9.89 -17.25 -13.59
N GLU C 132 8.98 -17.31 -14.58
CA GLU C 132 7.60 -16.92 -14.35
C GLU C 132 6.67 -17.80 -15.17
N LEU C 133 5.46 -18.00 -14.64
CA LEU C 133 4.35 -18.59 -15.38
C LEU C 133 3.74 -17.54 -16.31
N GLY C 134 3.76 -17.80 -17.62
CA GLY C 134 3.14 -16.93 -18.58
C GLY C 134 1.77 -17.48 -18.96
N VAL C 135 0.86 -16.55 -19.26
CA VAL C 135 -0.53 -16.86 -19.60
C VAL C 135 -0.82 -16.22 -20.94
N VAL C 136 -1.20 -17.02 -21.94
CA VAL C 136 -1.56 -16.50 -23.24
C VAL C 136 -3.08 -16.46 -23.33
N ILE C 137 -3.60 -15.30 -23.67
CA ILE C 137 -5.04 -15.05 -23.70
C ILE C 137 -5.62 -15.58 -25.01
N GLY C 138 -6.78 -16.23 -24.92
CA GLY C 138 -7.45 -16.74 -26.08
C GLY C 138 -8.71 -15.98 -26.44
N GLU C 139 -9.32 -15.32 -25.44
CA GLU C 139 -10.54 -14.54 -25.63
C GLU C 139 -10.43 -13.19 -24.94
N THR C 140 -11.02 -12.17 -25.56
CA THR C 140 -10.92 -10.80 -25.06
C THR C 140 -11.35 -10.70 -23.60
N CYS C 141 -10.50 -10.03 -22.80
CA CYS C 141 -10.74 -9.83 -21.37
C CYS C 141 -10.95 -8.34 -21.15
N ARG C 142 -12.19 -7.96 -20.87
CA ARG C 142 -12.57 -6.58 -20.59
C ARG C 142 -13.55 -6.64 -19.42
N PHE C 143 -13.12 -6.19 -18.24
CA PHE C 143 -13.90 -6.29 -17.00
C PHE C 143 -14.47 -7.71 -16.81
N VAL C 144 -13.61 -8.69 -16.86
CA VAL C 144 -14.03 -10.08 -16.71
C VAL C 144 -14.05 -10.44 -15.23
N SER C 145 -15.03 -11.24 -14.83
CA SER C 145 -15.11 -11.68 -13.45
C SER C 145 -14.04 -12.73 -13.17
N GLU C 146 -13.66 -12.82 -11.89
CA GLU C 146 -12.78 -13.88 -11.44
C GLU C 146 -13.34 -15.25 -11.80
N ASP C 147 -14.67 -15.39 -11.76
CA ASP C 147 -15.35 -16.66 -12.01
C ASP C 147 -15.09 -17.21 -13.41
N GLU C 148 -15.04 -16.34 -14.41
CA GLU C 148 -14.85 -16.79 -15.79
C GLU C 148 -13.51 -16.38 -16.38
N ALA C 149 -12.59 -15.85 -15.57
CA ALA C 149 -11.31 -15.41 -16.11
C ALA C 149 -10.55 -16.55 -16.80
N LEU C 150 -10.51 -17.73 -16.16
CA LEU C 150 -9.70 -18.83 -16.69
C LEU C 150 -10.26 -19.37 -18.00
N SER C 151 -11.55 -19.16 -18.26
CA SER C 151 -12.11 -19.58 -19.54
C SER C 151 -11.64 -18.72 -20.70
N LYS C 152 -10.94 -17.61 -20.44
CA LYS C 152 -10.40 -16.78 -21.52
C LYS C 152 -8.97 -17.15 -21.90
N VAL C 153 -8.38 -18.14 -21.23
CA VAL C 153 -6.98 -18.50 -21.42
C VAL C 153 -6.85 -19.46 -22.58
N ALA C 154 -5.94 -19.16 -23.53
CA ALA C 154 -5.60 -20.11 -24.59
C ALA C 154 -4.62 -21.16 -24.11
N GLY C 155 -3.65 -20.78 -23.28
CA GLY C 155 -2.68 -21.74 -22.78
C GLY C 155 -1.66 -21.03 -21.94
N TYR C 156 -0.71 -21.83 -21.43
CA TYR C 156 0.32 -21.37 -20.51
C TYR C 156 1.68 -21.59 -21.14
N VAL C 157 2.64 -20.71 -20.80
CA VAL C 157 3.99 -20.76 -21.36
C VAL C 157 5.00 -20.46 -20.27
N LEU C 158 6.16 -21.10 -20.39
CA LEU C 158 7.31 -20.79 -19.54
C LEU C 158 7.96 -19.49 -19.99
N VAL C 159 8.36 -18.65 -19.03
CA VAL C 159 8.94 -17.34 -19.33
C VAL C 159 10.10 -17.06 -18.39
N ASN C 160 11.11 -16.35 -18.91
CA ASN C 160 12.17 -15.75 -18.10
C ASN C 160 12.03 -14.24 -18.22
N ASP C 161 11.62 -13.59 -17.13
CA ASP C 161 11.48 -12.13 -17.10
C ASP C 161 12.85 -11.51 -16.80
N VAL C 162 13.75 -11.61 -17.79
CA VAL C 162 15.11 -11.12 -17.61
C VAL C 162 15.10 -9.62 -17.35
N SER C 163 15.96 -9.19 -16.43
CA SER C 163 15.86 -7.85 -15.89
C SER C 163 17.25 -7.26 -15.73
N GLU C 164 17.34 -5.95 -15.87
CA GLU C 164 18.58 -5.22 -15.62
C GLU C 164 18.27 -4.30 -14.46
N ARG C 165 18.73 -4.66 -13.27
CA ARG C 165 18.25 -4.01 -12.05
C ARG C 165 18.68 -2.55 -11.95
N PHE C 166 19.83 -2.19 -12.52
CA PHE C 166 20.23 -0.78 -12.52
C PHE C 166 19.29 0.04 -13.41
N ASN C 167 19.10 -0.41 -14.65
CA ASN C 167 18.21 0.30 -15.55
C ASN C 167 16.78 0.29 -15.03
N GLN C 168 16.41 -0.75 -14.27
CA GLN C 168 15.05 -0.88 -13.75
C GLN C 168 14.78 0.07 -12.59
N LYS C 169 15.77 0.30 -11.71
CA LYS C 169 15.48 0.99 -10.46
C LYS C 169 16.36 2.20 -10.18
N GLN C 170 17.47 2.36 -10.89
CA GLN C 170 18.41 3.44 -10.63
C GLN C 170 18.39 4.50 -11.72
N ARG C 171 17.47 4.40 -12.68
CA ARG C 171 17.32 5.37 -13.75
C ARG C 171 15.90 5.95 -13.76
N GLY C 172 15.32 6.08 -12.58
CA GLY C 172 13.95 6.52 -12.44
C GLY C 172 13.09 5.45 -11.79
N THR C 173 11.79 5.75 -11.71
CA THR C 173 10.87 4.92 -10.95
C THR C 173 10.15 3.86 -11.77
N GLN C 174 10.22 3.93 -13.10
CA GLN C 174 9.45 3.04 -13.96
C GLN C 174 10.29 1.82 -14.34
N TRP C 175 9.83 0.65 -13.92
CA TRP C 175 10.62 -0.57 -14.05
C TRP C 175 10.81 -1.03 -15.49
N SER C 176 9.87 -0.73 -16.38
CA SER C 176 9.98 -1.25 -17.74
C SER C 176 11.28 -0.83 -18.42
N LYS C 177 11.91 0.27 -18.00
CA LYS C 177 13.16 0.70 -18.59
C LYS C 177 14.28 -0.34 -18.44
N GLY C 178 14.21 -1.20 -17.43
CA GLY C 178 15.20 -2.26 -17.25
C GLY C 178 14.68 -3.63 -17.62
N LYS C 179 13.52 -3.72 -18.26
CA LYS C 179 12.89 -5.00 -18.58
C LYS C 179 12.64 -5.20 -20.06
N GLY C 180 12.83 -4.18 -20.89
CA GLY C 180 12.43 -4.23 -22.28
C GLY C 180 13.57 -4.45 -23.24
N HIS C 181 14.78 -4.70 -22.73
CA HIS C 181 15.93 -4.84 -23.61
C HIS C 181 15.73 -5.99 -24.58
N ASP C 182 16.29 -5.86 -25.78
CA ASP C 182 16.32 -6.99 -26.69
C ASP C 182 16.78 -8.25 -25.97
N THR C 183 16.11 -9.37 -26.26
CA THR C 183 16.39 -10.74 -25.82
C THR C 183 15.97 -10.98 -24.37
N PHE C 184 15.35 -10.02 -23.68
CA PHE C 184 15.06 -10.17 -22.25
C PHE C 184 13.71 -10.84 -21.95
N CYS C 185 13.02 -11.40 -22.93
CA CYS C 185 11.78 -12.15 -22.65
C CYS C 185 11.72 -13.45 -23.45
N PRO C 186 12.58 -14.42 -23.14
CA PRO C 186 12.44 -15.75 -23.76
C PRO C 186 11.14 -16.39 -23.31
N VAL C 187 10.41 -16.96 -24.28
CA VAL C 187 9.09 -17.52 -24.03
C VAL C 187 9.00 -18.86 -24.72
N GLY C 188 8.54 -19.89 -24.00
CA GLY C 188 8.40 -21.21 -24.58
C GLY C 188 9.13 -22.24 -23.76
N PRO C 189 9.29 -23.46 -24.28
CA PRO C 189 9.14 -23.83 -25.70
C PRO C 189 7.74 -24.21 -26.16
N TRP C 190 6.78 -24.35 -25.25
CA TRP C 190 5.47 -24.87 -25.61
C TRP C 190 4.34 -23.97 -25.13
N LEU C 191 3.33 -23.81 -25.98
CA LEU C 191 2.04 -23.26 -25.56
C LEU C 191 1.21 -24.47 -25.14
N VAL C 192 0.92 -24.58 -23.85
CA VAL C 192 0.31 -25.78 -23.30
C VAL C 192 -1.11 -25.43 -22.92
N THR C 193 -2.09 -26.11 -23.52
CA THR C 193 -3.44 -25.63 -23.33
C THR C 193 -3.97 -26.09 -21.97
N PRO C 194 -5.01 -25.43 -21.45
CA PRO C 194 -5.38 -25.66 -20.05
C PRO C 194 -5.75 -27.10 -19.73
N ASP C 195 -6.30 -27.85 -20.70
CA ASP C 195 -6.67 -29.23 -20.42
C ASP C 195 -5.46 -30.09 -20.09
N GLU C 196 -4.28 -29.76 -20.62
CA GLU C 196 -3.08 -30.51 -20.30
C GLU C 196 -2.38 -29.97 -19.06
N VAL C 197 -2.43 -28.66 -18.83
CA VAL C 197 -1.75 -28.08 -17.67
C VAL C 197 -2.41 -28.53 -16.38
N GLY C 198 -3.74 -28.57 -16.37
CA GLY C 198 -4.44 -28.76 -15.11
C GLY C 198 -4.47 -27.47 -14.32
N ASP C 199 -4.54 -27.61 -13.00
CA ASP C 199 -4.63 -26.45 -12.12
C ASP C 199 -3.37 -25.60 -12.23
N PRO C 200 -3.44 -24.38 -12.78
CA PRO C 200 -2.23 -23.57 -12.89
C PRO C 200 -1.68 -23.15 -11.55
N GLN C 201 -2.45 -23.29 -10.46
CA GLN C 201 -1.98 -22.91 -9.13
C GLN C 201 -1.33 -24.07 -8.37
N ASP C 202 -0.86 -25.10 -9.07
CA ASP C 202 -0.10 -26.15 -8.41
C ASP C 202 0.92 -26.68 -9.41
N LEU C 203 1.91 -25.84 -9.75
CA LEU C 203 2.97 -26.21 -10.67
C LEU C 203 4.31 -25.87 -10.05
N ASP C 204 5.24 -26.82 -10.08
CA ASP C 204 6.58 -26.57 -9.56
C ASP C 204 7.38 -25.69 -10.52
N VAL C 205 8.21 -24.83 -9.95
CA VAL C 205 8.94 -23.80 -10.69
C VAL C 205 10.41 -23.85 -10.26
N HIS C 206 11.32 -23.70 -11.22
CA HIS C 206 12.73 -23.62 -10.83
C HIS C 206 13.56 -22.88 -11.87
N LEU C 207 14.71 -22.38 -11.42
CA LEU C 207 15.68 -21.76 -12.32
C LEU C 207 17.08 -22.02 -11.78
N ASP C 208 18.01 -22.42 -12.66
CA ASP C 208 19.40 -22.65 -12.30
C ASP C 208 20.29 -21.66 -13.06
N VAL C 209 21.45 -21.33 -12.49
CA VAL C 209 22.46 -20.57 -13.18
C VAL C 209 23.77 -21.35 -13.10
N ASN C 210 24.34 -21.68 -14.26
CA ASN C 210 25.53 -22.55 -14.36
C ASN C 210 25.37 -23.81 -13.51
N GLY C 211 24.19 -24.40 -13.55
CA GLY C 211 23.91 -25.64 -12.87
C GLY C 211 23.60 -25.52 -11.40
N GLU C 212 23.65 -24.30 -10.84
CA GLU C 212 23.36 -24.08 -9.43
C GLU C 212 21.92 -23.60 -9.28
N ARG C 213 21.19 -24.21 -8.34
CA ARG C 213 19.78 -23.86 -8.15
C ARG C 213 19.66 -22.48 -7.52
N MET C 214 18.97 -21.57 -8.21
CA MET C 214 18.78 -20.19 -7.73
C MET C 214 17.35 -19.91 -7.28
N GLN C 215 16.34 -20.38 -8.03
CA GLN C 215 14.94 -20.19 -7.66
C GLN C 215 14.24 -21.53 -7.57
N THR C 216 13.46 -21.72 -6.50
CA THR C 216 12.63 -22.92 -6.29
C THR C 216 11.29 -22.46 -5.76
N GLY C 217 10.21 -22.89 -6.39
CA GLY C 217 8.91 -22.54 -5.87
C GLY C 217 7.82 -23.36 -6.48
N ASN C 218 6.60 -22.97 -6.17
CA ASN C 218 5.41 -23.61 -6.71
C ASN C 218 4.37 -22.50 -6.79
N THR C 219 3.62 -22.47 -7.89
CA THR C 219 2.63 -21.42 -8.11
C THR C 219 1.56 -21.38 -7.04
N LYS C 220 1.46 -22.40 -6.18
CA LYS C 220 0.48 -22.34 -5.10
C LYS C 220 0.72 -21.17 -4.14
N THR C 221 1.93 -20.61 -4.12
CA THR C 221 2.25 -19.48 -3.24
C THR C 221 2.09 -18.13 -3.93
N MET C 222 1.45 -18.08 -5.10
CA MET C 222 1.15 -16.79 -5.70
C MET C 222 0.23 -15.99 -4.80
N ILE C 223 0.51 -14.68 -4.67
CA ILE C 223 -0.36 -13.83 -3.86
C ILE C 223 -1.71 -13.67 -4.53
N PHE C 224 -1.71 -13.32 -5.82
CA PHE C 224 -2.91 -13.22 -6.65
C PHE C 224 -2.84 -14.32 -7.71
N ASN C 225 -3.85 -15.18 -7.75
CA ASN C 225 -3.77 -16.28 -8.72
C ASN C 225 -4.09 -15.77 -10.13
N VAL C 226 -3.95 -16.66 -11.11
CA VAL C 226 -4.16 -16.28 -12.51
C VAL C 226 -5.54 -15.68 -12.71
N ALA C 227 -6.57 -16.32 -12.15
CA ALA C 227 -7.92 -15.79 -12.33
C ALA C 227 -8.05 -14.40 -11.73
N GLN C 228 -7.46 -14.18 -10.54
CA GLN C 228 -7.54 -12.88 -9.91
C GLN C 228 -6.76 -11.83 -10.69
N LEU C 229 -5.66 -12.24 -11.33
CA LEU C 229 -4.84 -11.30 -12.08
C LEU C 229 -5.53 -10.86 -13.36
N ILE C 230 -6.08 -11.83 -14.10
CA ILE C 230 -6.81 -11.49 -15.32
C ILE C 230 -7.98 -10.58 -14.99
N SER C 231 -8.74 -10.91 -13.94
CA SER C 231 -9.89 -10.10 -13.59
C SER C 231 -9.48 -8.67 -13.26
N TYR C 232 -8.46 -8.52 -12.42
CA TYR C 232 -8.00 -7.18 -12.04
C TYR C 232 -7.45 -6.42 -13.25
N VAL C 233 -6.54 -7.04 -14.00
CA VAL C 233 -5.90 -6.34 -15.12
C VAL C 233 -6.95 -5.86 -16.11
N SER C 234 -7.98 -6.67 -16.36
CA SER C 234 -9.00 -6.34 -17.35
C SER C 234 -9.83 -5.11 -16.99
N GLU C 235 -9.66 -4.56 -15.78
CA GLU C 235 -10.34 -3.32 -15.43
C GLU C 235 -9.54 -2.08 -15.80
N TYR C 236 -8.24 -2.23 -16.08
CA TYR C 236 -7.36 -1.14 -16.46
C TYR C 236 -6.91 -1.21 -17.90
N ILE C 237 -6.85 -2.41 -18.45
CA ILE C 237 -6.31 -2.65 -19.78
C ILE C 237 -7.08 -3.83 -20.34
N THR C 238 -7.53 -3.71 -21.58
CA THR C 238 -8.17 -4.85 -22.24
C THR C 238 -7.11 -5.82 -22.75
N LEU C 239 -7.30 -7.11 -22.48
CA LEU C 239 -6.42 -8.15 -23.02
C LEU C 239 -7.10 -8.76 -24.23
N TYR C 240 -6.40 -8.79 -25.34
CA TYR C 240 -6.92 -9.34 -26.59
C TYR C 240 -6.31 -10.70 -26.85
N PRO C 241 -6.96 -11.52 -27.69
CA PRO C 241 -6.38 -12.81 -28.04
C PRO C 241 -4.94 -12.70 -28.50
N GLY C 242 -4.07 -13.53 -27.93
CA GLY C 242 -2.66 -13.52 -28.22
C GLY C 242 -1.82 -12.78 -27.21
N ASP C 243 -2.42 -11.93 -26.38
CA ASP C 243 -1.64 -11.19 -25.39
C ASP C 243 -1.05 -12.15 -24.36
N LEU C 244 0.08 -11.73 -23.81
CA LEU C 244 0.82 -12.52 -22.84
C LEU C 244 0.80 -11.78 -21.51
N MET C 245 0.45 -12.47 -20.44
CA MET C 245 0.61 -11.93 -19.10
C MET C 245 1.64 -12.79 -18.37
N ILE C 246 2.65 -12.14 -17.78
CA ILE C 246 3.67 -12.85 -17.02
C ILE C 246 3.44 -12.54 -15.54
N THR C 247 3.29 -13.59 -14.74
CA THR C 247 2.56 -13.49 -13.47
C THR C 247 3.44 -13.35 -12.25
N GLY C 248 4.73 -13.06 -12.42
CA GLY C 248 5.61 -12.80 -11.30
C GLY C 248 6.55 -13.95 -11.04
N THR C 249 7.56 -13.65 -10.22
CA THR C 249 8.61 -14.64 -10.00
C THR C 249 8.75 -15.01 -8.52
N PRO C 250 9.07 -16.27 -8.22
CA PRO C 250 9.27 -16.68 -6.84
C PRO C 250 10.55 -16.10 -6.28
N PRO C 251 10.80 -16.25 -4.98
CA PRO C 251 12.08 -15.80 -4.42
C PRO C 251 13.26 -16.50 -5.08
N GLY C 252 14.43 -15.92 -4.89
CA GLY C 252 15.65 -16.47 -5.44
C GLY C 252 16.27 -15.68 -6.56
N VAL C 253 15.74 -14.49 -6.88
CA VAL C 253 16.40 -13.65 -7.88
C VAL C 253 17.77 -13.21 -7.37
N GLY C 254 18.67 -12.94 -8.32
CA GLY C 254 20.05 -12.61 -7.95
C GLY C 254 20.16 -11.38 -7.07
N GLU C 255 19.32 -10.37 -7.35
CA GLU C 255 19.30 -9.15 -6.55
C GLU C 255 19.10 -9.41 -5.06
N GLY C 256 18.38 -10.47 -4.70
CA GLY C 256 18.06 -10.78 -3.33
C GLY C 256 19.01 -11.71 -2.60
N LYS C 257 20.07 -12.17 -3.25
CA LYS C 257 20.97 -13.16 -2.67
C LYS C 257 21.75 -12.58 -1.50
N LYS C 258 22.05 -13.43 -0.52
CA LYS C 258 22.78 -13.16 0.71
C LYS C 258 23.99 -14.07 0.80
N PRO C 259 25.15 -13.58 1.26
CA PRO C 259 25.38 -12.22 1.78
C PRO C 259 25.46 -11.12 0.72
N GLN C 260 25.87 -11.46 -0.51
CA GLN C 260 25.99 -10.49 -1.58
C GLN C 260 25.03 -10.82 -2.72
N ALA C 261 24.54 -9.77 -3.38
CA ALA C 261 23.73 -9.97 -4.59
C ALA C 261 24.58 -10.60 -5.67
N ILE C 262 24.00 -11.51 -6.44
CA ILE C 262 24.66 -12.15 -7.56
C ILE C 262 23.97 -11.71 -8.84
N TYR C 263 24.75 -11.42 -9.88
CA TYR C 263 24.18 -10.96 -11.14
C TYR C 263 24.77 -11.74 -12.31
N LEU C 264 24.06 -11.71 -13.44
CA LEU C 264 24.52 -12.34 -14.66
C LEU C 264 25.81 -11.71 -15.19
N LYS C 265 26.64 -12.56 -15.81
CA LYS C 265 27.82 -12.11 -16.53
C LYS C 265 27.94 -12.93 -17.81
N ALA C 266 28.65 -12.37 -18.79
CA ALA C 266 28.86 -13.07 -20.05
C ALA C 266 29.45 -14.44 -19.80
N GLY C 267 28.85 -15.45 -20.45
CA GLY C 267 29.23 -16.84 -20.27
C GLY C 267 28.31 -17.63 -19.37
N ASP C 268 27.47 -16.95 -18.59
CA ASP C 268 26.54 -17.66 -17.73
C ASP C 268 25.52 -18.41 -18.57
N VAL C 269 24.95 -19.46 -17.97
CA VAL C 269 23.90 -20.26 -18.60
C VAL C 269 22.73 -20.32 -17.63
N MET C 270 21.56 -19.90 -18.09
CA MET C 270 20.35 -19.99 -17.30
C MET C 270 19.55 -21.19 -17.79
N GLU C 271 19.06 -22.00 -16.85
CA GLU C 271 18.19 -23.13 -17.18
C GLU C 271 16.98 -23.08 -16.26
N LEU C 272 15.79 -23.18 -16.81
CA LEU C 272 14.61 -23.02 -15.97
C LEU C 272 13.52 -23.94 -16.49
N GLY C 273 12.53 -24.17 -15.65
CA GLY C 273 11.40 -24.99 -16.08
C GLY C 273 10.23 -24.76 -15.16
N ILE C 274 9.04 -25.05 -15.69
CA ILE C 274 7.83 -25.13 -14.90
C ILE C 274 7.13 -26.44 -15.27
N GLU C 275 6.62 -27.14 -14.25
CA GLU C 275 5.88 -28.38 -14.43
C GLU C 275 4.84 -28.22 -15.54
N LYS C 276 4.82 -29.18 -16.48
CA LYS C 276 3.94 -29.28 -17.64
C LYS C 276 4.33 -28.35 -18.79
N LEU C 277 5.25 -27.39 -18.62
CA LEU C 277 5.54 -26.38 -19.63
C LEU C 277 6.92 -26.49 -20.25
N GLY C 278 7.69 -27.55 -19.97
CA GLY C 278 8.97 -27.69 -20.64
C GLY C 278 10.10 -26.95 -19.94
N THR C 279 11.19 -26.75 -20.67
CA THR C 279 12.40 -26.16 -20.11
C THR C 279 13.01 -25.17 -21.11
N GLN C 280 13.75 -24.20 -20.57
CA GLN C 280 14.51 -23.25 -21.36
C GLN C 280 15.98 -23.30 -20.95
N ARG C 281 16.85 -22.94 -21.89
CA ARG C 281 18.27 -22.78 -21.62
C ARG C 281 18.80 -21.61 -22.43
N GLN C 282 19.38 -20.60 -21.76
CA GLN C 282 19.92 -19.44 -22.46
C GLN C 282 21.38 -19.25 -22.09
N GLN C 283 22.21 -19.03 -23.11
CA GLN C 283 23.56 -18.52 -22.93
C GLN C 283 23.52 -17.01 -22.83
N VAL C 284 24.29 -16.45 -21.91
CA VAL C 284 24.36 -14.99 -21.74
C VAL C 284 25.63 -14.47 -22.41
N SER C 285 25.49 -13.40 -23.19
CA SER C 285 26.59 -12.77 -23.91
C SER C 285 26.75 -11.32 -23.48
N GLU C 286 27.95 -10.78 -23.68
CA GLU C 286 28.18 -9.36 -23.51
C GLU C 286 27.50 -8.57 -24.63
N TRP C 287 27.28 -7.28 -24.38
CA TRP C 287 26.60 -6.45 -25.37
C TRP C 287 27.36 -6.41 -26.69
N ARG C 288 26.60 -6.40 -27.77
CA ARG C 288 27.10 -6.06 -29.10
C ARG C 288 25.95 -5.38 -29.83
N HIS C 289 26.29 -4.57 -30.84
CA HIS C 289 25.24 -3.95 -31.63
C HIS C 289 24.55 -4.98 -32.50
N LEU C 290 23.26 -5.18 -32.26
CA LEU C 290 22.52 -6.26 -32.92
C LEU C 290 22.01 -5.89 -34.31
N GLY C 291 22.38 -4.72 -34.82
CA GLY C 291 22.16 -4.41 -36.22
C GLY C 291 20.70 -4.09 -36.51
N ASP C 292 20.18 -4.70 -37.57
CA ASP C 292 18.80 -4.54 -37.96
C ASP C 292 18.00 -5.83 -37.77
N GLU C 293 18.53 -6.77 -36.99
CA GLU C 293 17.79 -7.98 -36.72
C GLU C 293 16.49 -7.66 -36.00
N VAL C 294 15.45 -8.42 -36.30
CA VAL C 294 14.18 -8.39 -35.60
C VAL C 294 14.07 -9.70 -34.82
N PHE C 295 13.78 -9.59 -33.53
CA PHE C 295 13.66 -10.81 -32.73
C PHE C 295 12.19 -11.19 -32.64
N GLY C 296 11.77 -11.87 -31.59
CA GLY C 296 10.35 -12.21 -31.47
C GLY C 296 10.00 -13.56 -32.06
N SER D 12 4.24 15.86 -47.08
CA SER D 12 2.98 15.18 -47.32
C SER D 12 2.22 14.91 -46.01
N LYS D 13 0.90 14.78 -46.12
CA LYS D 13 0.03 14.50 -44.98
C LYS D 13 -0.80 13.27 -45.34
N PHE D 14 -0.56 12.16 -44.66
CA PHE D 14 -1.29 10.93 -44.91
C PHE D 14 -2.31 10.68 -43.81
N CYS D 15 -3.35 9.93 -44.16
CA CYS D 15 -4.45 9.66 -43.24
C CYS D 15 -5.10 8.34 -43.58
N ARG D 16 -6.02 7.92 -42.73
CA ARG D 16 -6.86 6.75 -42.97
C ARG D 16 -8.29 7.14 -42.63
N PHE D 17 -9.21 6.87 -43.57
CA PHE D 17 -10.59 7.34 -43.41
C PHE D 17 -11.57 6.19 -43.58
N GLY D 18 -12.65 6.24 -42.79
CA GLY D 18 -13.71 5.25 -42.84
C GLY D 18 -14.08 4.77 -41.46
N GLN D 19 -15.05 3.86 -41.43
CA GLN D 19 -15.46 3.26 -40.17
C GLN D 19 -14.38 2.31 -39.66
N ARG D 20 -14.53 1.88 -38.41
CA ARG D 20 -13.55 1.01 -37.79
C ARG D 20 -13.47 -0.33 -38.50
N GLY D 21 -12.25 -0.76 -38.81
CA GLY D 21 -12.04 -1.99 -39.55
C GLY D 21 -12.20 -1.87 -41.04
N GLN D 22 -12.62 -0.69 -41.54
CA GLN D 22 -12.84 -0.48 -42.97
C GLN D 22 -12.13 0.75 -43.51
N GLU D 23 -11.16 1.30 -42.77
CA GLU D 23 -10.47 2.50 -43.21
C GLU D 23 -9.70 2.25 -44.51
N LYS D 24 -9.51 3.31 -45.28
CA LYS D 24 -8.78 3.27 -46.54
C LYS D 24 -7.67 4.31 -46.51
N PRO D 25 -6.57 4.05 -47.22
CA PRO D 25 -5.47 5.02 -47.24
C PRO D 25 -5.86 6.29 -47.96
N GLY D 26 -5.42 7.42 -47.42
CA GLY D 26 -5.74 8.71 -48.00
C GLY D 26 -4.58 9.68 -47.83
N ILE D 27 -4.65 10.76 -48.61
CA ILE D 27 -3.66 11.83 -48.53
C ILE D 27 -4.41 13.16 -48.60
N ILE D 28 -3.82 14.19 -48.00
CA ILE D 28 -4.41 15.52 -47.94
C ILE D 28 -3.75 16.38 -49.01
N ASP D 29 -4.58 17.03 -49.85
CA ASP D 29 -4.07 17.91 -50.88
C ASP D 29 -3.93 19.33 -50.35
N ALA D 30 -3.52 20.26 -51.24
CA ALA D 30 -3.32 21.64 -50.85
C ALA D 30 -4.62 22.32 -50.42
N ASP D 31 -5.77 21.83 -50.88
CA ASP D 31 -7.07 22.37 -50.49
C ASP D 31 -7.54 21.86 -49.14
N GLY D 32 -6.82 20.92 -48.53
CA GLY D 32 -7.26 20.30 -47.30
C GLY D 32 -8.25 19.16 -47.47
N ASN D 33 -8.43 18.66 -48.69
CA ASN D 33 -9.37 17.60 -48.98
C ASN D 33 -8.65 16.25 -49.05
N ILE D 34 -9.38 15.19 -48.71
CA ILE D 34 -8.85 13.84 -48.73
C ILE D 34 -8.87 13.32 -50.17
N ARG D 35 -7.74 12.79 -50.63
CA ARG D 35 -7.65 12.09 -51.90
C ARG D 35 -7.40 10.61 -51.64
N ASP D 36 -8.19 9.75 -52.29
CA ASP D 36 -8.15 8.31 -52.04
C ASP D 36 -6.90 7.68 -52.67
N LEU D 37 -6.17 6.92 -51.86
CA LEU D 37 -4.93 6.27 -52.25
C LEU D 37 -5.09 4.81 -52.63
N SER D 38 -6.31 4.27 -52.56
CA SER D 38 -6.50 2.83 -52.70
C SER D 38 -5.96 2.27 -54.02
N GLY D 39 -5.86 3.10 -55.07
CA GLY D 39 -5.28 2.64 -56.31
C GLY D 39 -3.77 2.54 -56.31
N VAL D 40 -3.12 3.24 -55.39
CA VAL D 40 -1.65 3.18 -55.31
C VAL D 40 -1.21 2.11 -54.33
N VAL D 41 -1.84 2.03 -53.16
CA VAL D 41 -1.47 1.09 -52.12
C VAL D 41 -2.72 0.58 -51.42
N PRO D 42 -2.76 -0.69 -50.99
CA PRO D 42 -3.97 -1.19 -50.33
C PRO D 42 -4.14 -0.69 -48.91
N GLU D 43 -3.05 -0.38 -48.20
CA GLU D 43 -3.13 0.12 -46.83
C GLU D 43 -2.06 1.17 -46.60
N LEU D 44 -2.35 2.10 -45.69
CA LEU D 44 -1.33 3.06 -45.23
C LEU D 44 -0.55 2.42 -44.09
N THR D 45 0.37 1.54 -44.46
CA THR D 45 1.39 1.06 -43.56
C THR D 45 2.68 1.85 -43.80
N ILE D 46 3.64 1.66 -42.89
CA ILE D 46 4.94 2.32 -43.07
C ILE D 46 5.62 1.82 -44.34
N ASP D 47 5.38 0.56 -44.71
CA ASP D 47 5.95 0.02 -45.95
C ASP D 47 5.47 0.80 -47.16
N ALA D 48 4.22 1.26 -47.15
CA ALA D 48 3.61 1.89 -48.31
C ALA D 48 3.87 3.38 -48.38
N LEU D 49 4.63 3.96 -47.45
CA LEU D 49 4.89 5.39 -47.46
C LEU D 49 5.64 5.81 -48.72
N ALA D 50 6.60 5.00 -49.17
CA ALA D 50 7.38 5.35 -50.35
C ALA D 50 6.47 5.50 -51.56
N ALA D 51 5.60 4.51 -51.79
CA ALA D 51 4.67 4.60 -52.91
C ALA D 51 3.66 5.72 -52.69
N ALA D 52 3.20 5.89 -51.46
CA ALA D 52 2.16 6.89 -51.18
C ALA D 52 2.65 8.30 -51.50
N LYS D 53 3.87 8.63 -51.09
CA LYS D 53 4.45 9.92 -51.48
C LYS D 53 4.59 10.01 -53.00
N GLY D 54 4.97 8.90 -53.63
CA GLY D 54 5.30 8.91 -55.04
C GLY D 54 4.11 9.11 -55.96
N ALA D 55 2.91 8.76 -55.50
CA ALA D 55 1.73 9.01 -56.30
C ALA D 55 1.59 10.50 -56.59
N ASP D 56 1.02 10.79 -57.74
CA ASP D 56 0.76 12.15 -58.19
C ASP D 56 -0.67 12.52 -57.78
N ILE D 57 -0.82 13.55 -56.95
CA ILE D 57 -2.07 13.75 -56.21
C ILE D 57 -3.20 14.12 -57.14
N ALA D 58 -2.90 14.90 -58.19
CA ALA D 58 -3.91 15.30 -59.16
C ALA D 58 -4.72 14.11 -59.68
N LEU D 59 -4.11 12.93 -59.72
CA LEU D 59 -4.74 11.74 -60.28
C LEU D 59 -5.69 11.08 -59.30
N LEU D 60 -5.53 11.34 -58.00
CA LEU D 60 -6.26 10.59 -57.00
C LEU D 60 -7.69 11.09 -56.89
N PRO D 61 -8.65 10.17 -56.72
CA PRO D 61 -10.05 10.60 -56.55
C PRO D 61 -10.19 11.44 -55.29
N LEU D 62 -11.07 12.43 -55.36
CA LEU D 62 -11.40 13.21 -54.18
C LEU D 62 -12.52 12.53 -53.43
N VAL D 63 -12.35 12.39 -52.12
CA VAL D 63 -13.34 11.74 -51.27
C VAL D 63 -14.36 12.78 -50.82
N GLU D 64 -15.64 12.44 -50.92
CA GLU D 64 -16.71 13.36 -50.61
C GLU D 64 -17.35 12.99 -49.27
N GLY D 65 -17.83 14.01 -48.57
CA GLY D 65 -18.52 13.83 -47.31
C GLY D 65 -17.69 14.30 -46.13
N GLU D 66 -18.08 13.82 -44.95
CA GLU D 66 -17.36 14.07 -43.71
C GLU D 66 -16.99 12.73 -43.06
N PRO D 67 -16.14 11.94 -43.71
CA PRO D 67 -15.87 10.58 -43.22
C PRO D 67 -15.00 10.61 -41.97
N ARG D 68 -15.10 9.54 -41.20
CA ARG D 68 -14.34 9.42 -39.96
C ARG D 68 -12.85 9.31 -40.26
N TYR D 69 -12.04 9.98 -39.44
CA TYR D 69 -10.60 9.74 -39.40
C TYR D 69 -10.31 8.60 -38.42
N GLY D 70 -9.51 7.64 -38.88
CA GLY D 70 -8.96 6.63 -38.01
C GLY D 70 -7.51 6.97 -37.64
N VAL D 71 -6.88 6.04 -36.93
CA VAL D 71 -5.44 6.19 -36.71
C VAL D 71 -4.75 6.30 -38.07
N PRO D 72 -3.92 7.31 -38.31
CA PRO D 72 -3.44 7.55 -39.68
C PRO D 72 -2.48 6.49 -40.22
N VAL D 73 -1.90 5.65 -39.36
CA VAL D 73 -0.99 4.59 -39.80
C VAL D 73 -1.53 3.27 -39.30
N LYS D 74 -1.48 2.26 -40.16
CA LYS D 74 -1.88 0.91 -39.78
C LYS D 74 -0.66 0.12 -39.33
N GLY D 75 -0.80 -0.62 -38.24
CA GLY D 75 0.26 -1.51 -37.80
C GLY D 75 1.22 -0.96 -36.77
N ILE D 76 0.82 0.03 -35.98
CA ILE D 76 1.63 0.48 -34.86
C ILE D 76 1.82 -0.67 -33.88
N GLY D 77 3.08 -1.05 -33.66
CA GLY D 77 3.38 -2.23 -32.86
C GLY D 77 3.39 -1.97 -31.37
N LYS D 78 3.87 -0.80 -30.97
CA LYS D 78 3.88 -0.43 -29.56
C LYS D 78 4.01 1.08 -29.46
N ILE D 79 3.77 1.58 -28.25
CA ILE D 79 3.74 3.02 -27.95
C ILE D 79 4.62 3.23 -26.74
N VAL D 80 5.73 3.97 -26.92
CA VAL D 80 6.62 4.33 -25.84
C VAL D 80 6.33 5.78 -25.46
N ALA D 81 6.14 6.03 -24.17
CA ALA D 81 5.67 7.32 -23.68
C ALA D 81 6.70 7.95 -22.77
N ILE D 82 6.81 9.28 -22.85
CA ILE D 82 7.73 10.06 -22.04
C ILE D 82 6.97 10.78 -20.95
N GLY D 83 7.58 10.90 -19.77
CA GLY D 83 7.02 11.64 -18.65
C GLY D 83 7.30 13.13 -18.77
N LEU D 84 7.68 13.76 -17.66
CA LEU D 84 7.95 15.19 -17.64
C LEU D 84 8.95 15.56 -18.71
N ASN D 85 8.55 16.44 -19.65
CA ASN D 85 9.47 16.77 -20.74
C ASN D 85 9.31 18.18 -21.29
N TYR D 86 8.67 19.10 -20.56
CA TYR D 86 8.57 20.49 -20.98
C TYR D 86 9.07 21.37 -19.83
N GLU D 87 10.04 22.26 -20.14
CA GLU D 87 10.67 23.05 -19.10
C GLU D 87 9.66 23.93 -18.39
N ASP D 88 8.70 24.50 -19.12
CA ASP D 88 7.69 25.33 -18.49
C ASP D 88 6.72 24.52 -17.66
N HIS D 89 6.54 23.23 -17.99
CA HIS D 89 5.73 22.37 -17.15
C HIS D 89 6.42 22.06 -15.83
N ALA D 90 7.71 21.74 -15.88
CA ALA D 90 8.48 21.58 -14.65
C ALA D 90 8.40 22.83 -13.78
N ILE D 91 8.60 24.00 -14.37
CA ILE D 91 8.58 25.26 -13.60
C ILE D 91 7.24 25.45 -12.91
N GLU D 92 6.15 25.31 -13.66
CA GLU D 92 4.82 25.54 -13.11
C GLU D 92 4.46 24.50 -12.07
N SER D 93 4.93 23.27 -12.23
CA SER D 93 4.70 22.23 -11.23
C SER D 93 5.72 22.25 -10.10
N ASN D 94 6.69 23.18 -10.13
CA ASN D 94 7.81 23.20 -9.19
C ASN D 94 8.48 21.83 -9.09
N LEU D 95 8.61 21.16 -10.24
CA LEU D 95 9.34 19.90 -10.26
C LEU D 95 10.74 20.12 -10.83
N PRO D 96 11.72 19.36 -10.39
CA PRO D 96 13.08 19.50 -10.93
C PRO D 96 13.12 19.06 -12.39
N ILE D 97 14.16 19.52 -13.08
CA ILE D 97 14.41 19.16 -14.47
C ILE D 97 14.99 17.74 -14.48
N PRO D 98 14.35 16.78 -15.13
CA PRO D 98 14.92 15.43 -15.14
C PRO D 98 16.24 15.41 -15.89
N THR D 99 17.15 14.55 -15.43
CA THR D 99 18.42 14.36 -16.11
C THR D 99 18.39 13.24 -17.13
N GLU D 100 17.38 12.38 -17.08
CA GLU D 100 17.11 11.32 -18.03
C GLU D 100 15.61 11.27 -18.26
N PRO D 101 15.16 10.96 -19.48
CA PRO D 101 13.73 10.86 -19.74
C PRO D 101 13.07 9.75 -18.92
N MET D 102 11.98 10.09 -18.23
CA MET D 102 11.12 9.02 -17.72
C MET D 102 10.44 8.36 -18.90
N MET D 103 10.44 7.03 -18.92
CA MET D 103 9.76 6.24 -19.95
C MET D 103 8.74 5.31 -19.31
N PHE D 104 7.60 5.15 -19.98
CA PHE D 104 6.64 4.13 -19.61
C PHE D 104 5.96 3.65 -20.88
N MET D 105 5.31 2.50 -20.80
CA MET D 105 4.62 1.96 -21.97
C MET D 105 3.15 2.37 -21.92
N LYS D 106 2.66 2.92 -23.03
CA LYS D 106 1.25 3.24 -23.21
C LYS D 106 0.61 2.04 -23.90
N ALA D 107 -0.26 1.31 -23.18
CA ALA D 107 -0.80 0.04 -23.70
C ALA D 107 -1.40 0.24 -25.09
N LEU D 108 -1.02 -0.65 -26.02
CA LEU D 108 -1.46 -0.48 -27.41
C LEU D 108 -2.99 -0.48 -27.51
N SER D 109 -3.66 -1.13 -26.58
CA SER D 109 -5.12 -1.20 -26.60
C SER D 109 -5.80 0.13 -26.28
N SER D 110 -5.06 1.15 -25.83
CA SER D 110 -5.61 2.49 -25.68
C SER D 110 -5.69 3.26 -26.99
N LEU D 111 -5.00 2.80 -28.02
CA LEU D 111 -5.00 3.48 -29.31
C LEU D 111 -6.42 3.70 -29.81
N ASN D 112 -6.67 4.88 -30.34
CA ASN D 112 -7.98 5.19 -30.90
C ASN D 112 -7.82 6.22 -32.00
N GLY D 113 -8.89 6.39 -32.78
CA GLY D 113 -8.93 7.44 -33.77
C GLY D 113 -8.93 8.82 -33.15
N PRO D 114 -8.59 9.83 -33.94
CA PRO D 114 -8.33 11.17 -33.37
C PRO D 114 -9.56 11.85 -32.82
N ASN D 115 -10.75 11.58 -33.37
CA ASN D 115 -11.99 12.17 -32.89
C ASN D 115 -12.90 11.14 -32.23
N ASP D 116 -12.34 10.01 -31.81
CA ASP D 116 -13.16 8.95 -31.25
C ASP D 116 -13.53 9.25 -29.80
N GLU D 117 -14.72 8.78 -29.43
CA GLU D 117 -15.24 8.93 -28.07
C GLU D 117 -14.21 8.47 -27.04
N VAL D 118 -14.06 9.26 -25.98
CA VAL D 118 -13.26 8.87 -24.82
C VAL D 118 -14.21 8.37 -23.75
N VAL D 119 -14.11 7.09 -23.42
CA VAL D 119 -14.95 6.47 -22.40
C VAL D 119 -14.16 6.43 -21.09
N LEU D 120 -14.70 7.06 -20.05
CA LEU D 120 -14.04 7.05 -18.75
C LEU D 120 -14.08 5.66 -18.12
N PRO D 121 -13.03 5.28 -17.37
CA PRO D 121 -13.08 4.01 -16.64
C PRO D 121 -14.18 4.03 -15.59
N LYS D 122 -14.48 2.83 -15.08
CA LYS D 122 -15.62 2.66 -14.18
C LYS D 122 -15.45 3.52 -12.93
N ASN D 123 -16.40 4.42 -12.71
CA ASN D 123 -16.40 5.34 -11.57
C ASN D 123 -15.14 6.22 -11.53
N SER D 124 -14.61 6.59 -12.70
CA SER D 124 -13.42 7.43 -12.72
C SER D 124 -13.80 8.88 -12.46
N THR D 125 -13.17 9.50 -11.46
CA THR D 125 -13.33 10.92 -11.21
C THR D 125 -12.02 11.68 -11.34
N HIS D 126 -10.97 11.05 -11.88
CA HIS D 126 -9.67 11.70 -11.99
C HIS D 126 -9.11 11.61 -13.39
N GLY D 127 -9.97 11.55 -14.41
CA GLY D 127 -9.49 11.61 -15.78
C GLY D 127 -8.94 12.97 -16.15
N ASP D 128 -7.97 12.98 -17.08
CA ASP D 128 -7.21 14.19 -17.35
C ASP D 128 -6.64 14.11 -18.77
N TRP D 129 -6.27 15.28 -19.29
CA TRP D 129 -5.84 15.48 -20.66
C TRP D 129 -4.35 15.81 -20.76
N GLU D 130 -3.74 15.48 -21.92
CA GLU D 130 -2.31 15.70 -22.18
C GLU D 130 -2.08 15.78 -23.69
N VAL D 131 -2.06 16.99 -24.25
CA VAL D 131 -1.71 17.07 -25.67
C VAL D 131 -0.22 16.85 -25.82
N GLU D 132 0.16 16.04 -26.83
CA GLU D 132 1.55 15.66 -27.01
C GLU D 132 1.89 15.53 -28.49
N LEU D 133 3.17 15.76 -28.81
CA LEU D 133 3.71 15.44 -30.12
C LEU D 133 4.04 13.95 -30.21
N GLY D 134 3.46 13.27 -31.19
CA GLY D 134 3.75 11.86 -31.44
C GLY D 134 4.76 11.76 -32.58
N VAL D 135 5.65 10.78 -32.45
CA VAL D 135 6.68 10.53 -33.46
C VAL D 135 6.53 9.09 -33.93
N VAL D 136 6.32 8.90 -35.24
CA VAL D 136 6.17 7.58 -35.82
C VAL D 136 7.49 7.17 -36.44
N ILE D 137 8.03 6.06 -36.00
CA ILE D 137 9.35 5.59 -36.42
C ILE D 137 9.26 4.98 -37.81
N GLY D 138 10.27 5.27 -38.64
CA GLY D 138 10.29 4.72 -39.99
C GLY D 138 11.38 3.71 -40.21
N GLU D 139 12.47 3.82 -39.43
CA GLU D 139 13.57 2.88 -39.51
C GLU D 139 13.97 2.45 -38.10
N THR D 140 14.48 1.23 -38.00
CA THR D 140 14.81 0.64 -36.70
C THR D 140 15.79 1.51 -35.94
N CYS D 141 15.45 1.80 -34.68
CA CYS D 141 16.29 2.60 -33.79
C CYS D 141 16.85 1.66 -32.73
N ARG D 142 18.15 1.40 -32.81
CA ARG D 142 18.88 0.54 -31.89
C ARG D 142 20.23 1.20 -31.64
N PHE D 143 20.37 1.87 -30.50
CA PHE D 143 21.56 2.63 -30.12
C PHE D 143 21.94 3.66 -31.18
N VAL D 144 20.95 4.44 -31.59
CA VAL D 144 21.17 5.49 -32.57
C VAL D 144 21.70 6.75 -31.90
N SER D 145 22.59 7.46 -32.59
CA SER D 145 23.15 8.68 -32.03
C SER D 145 22.16 9.83 -32.16
N GLU D 146 22.34 10.83 -31.31
CA GLU D 146 21.52 12.04 -31.43
C GLU D 146 21.65 12.65 -32.82
N ASP D 147 22.88 12.65 -33.37
CA ASP D 147 23.13 13.22 -34.68
C ASP D 147 22.37 12.49 -35.80
N GLU D 148 21.99 11.23 -35.58
CA GLU D 148 21.34 10.44 -36.63
C GLU D 148 19.87 10.13 -36.34
N ALA D 149 19.36 10.54 -35.18
CA ALA D 149 18.05 10.06 -34.73
C ALA D 149 16.93 10.50 -35.66
N LEU D 150 16.91 11.78 -36.04
CA LEU D 150 15.78 12.28 -36.81
C LEU D 150 15.67 11.61 -38.17
N SER D 151 16.77 11.09 -38.71
CA SER D 151 16.69 10.38 -39.98
C SER D 151 15.86 9.11 -39.90
N LYS D 152 15.61 8.62 -38.69
CA LYS D 152 14.85 7.40 -38.48
C LYS D 152 13.34 7.63 -38.40
N VAL D 153 12.91 8.89 -38.47
CA VAL D 153 11.52 9.26 -38.24
C VAL D 153 10.74 9.15 -39.53
N ALA D 154 9.59 8.49 -39.49
CA ALA D 154 8.72 8.45 -40.65
C ALA D 154 7.84 9.70 -40.74
N GLY D 155 7.34 10.17 -39.61
CA GLY D 155 6.46 11.32 -39.62
C GLY D 155 6.03 11.66 -38.22
N TYR D 156 5.16 12.66 -38.12
CA TYR D 156 4.71 13.16 -36.83
C TYR D 156 3.19 13.16 -36.79
N VAL D 157 2.66 13.02 -35.58
CA VAL D 157 1.22 12.91 -35.38
C VAL D 157 0.84 13.63 -34.10
N LEU D 158 -0.39 14.11 -34.06
CA LEU D 158 -0.99 14.68 -32.86
C LEU D 158 -1.53 13.56 -31.97
N VAL D 159 -1.33 13.71 -30.66
CA VAL D 159 -1.74 12.71 -29.68
C VAL D 159 -2.40 13.39 -28.49
N ASN D 160 -3.39 12.73 -27.91
CA ASN D 160 -3.88 13.05 -26.57
C ASN D 160 -3.53 11.87 -25.66
N ASP D 161 -2.60 12.09 -24.71
CA ASP D 161 -2.20 11.07 -23.73
C ASP D 161 -3.17 11.11 -22.54
N VAL D 162 -4.40 10.65 -22.80
CA VAL D 162 -5.43 10.71 -21.76
C VAL D 162 -5.01 9.83 -20.60
N SER D 163 -5.21 10.33 -19.38
CA SER D 163 -4.67 9.72 -18.16
C SER D 163 -5.73 9.65 -17.08
N GLU D 164 -5.66 8.60 -16.27
CA GLU D 164 -6.48 8.49 -15.06
C GLU D 164 -5.52 8.74 -13.89
N ARG D 165 -5.59 9.94 -13.33
CA ARG D 165 -4.55 10.36 -12.39
C ARG D 165 -4.53 9.51 -11.12
N PHE D 166 -5.69 9.06 -10.63
CA PHE D 166 -5.65 8.20 -9.45
C PHE D 166 -4.98 6.86 -9.77
N ASN D 167 -5.39 6.24 -10.88
CA ASN D 167 -4.78 4.97 -11.27
C ASN D 167 -3.29 5.13 -11.57
N GLN D 168 -2.90 6.28 -12.13
CA GLN D 168 -1.53 6.48 -12.57
C GLN D 168 -0.58 6.68 -11.40
N LYS D 169 -1.05 7.37 -10.35
CA LYS D 169 -0.17 7.88 -9.30
C LYS D 169 -0.51 7.43 -7.89
N GLN D 170 -1.75 7.02 -7.61
CA GLN D 170 -2.13 6.67 -6.25
C GLN D 170 -2.26 5.17 -6.00
N ARG D 171 -1.98 4.31 -6.98
CA ARG D 171 -2.09 2.86 -6.84
C ARG D 171 -0.74 2.14 -6.94
N GLY D 172 0.33 2.75 -6.46
CA GLY D 172 1.67 2.21 -6.64
C GLY D 172 2.53 3.14 -7.49
N THR D 173 3.72 2.65 -7.81
CA THR D 173 4.73 3.52 -8.42
C THR D 173 4.73 3.50 -9.94
N GLN D 174 4.08 2.53 -10.58
CA GLN D 174 4.15 2.37 -12.02
C GLN D 174 2.98 3.09 -12.70
N TRP D 175 3.29 4.04 -13.57
CA TRP D 175 2.29 4.90 -14.19
C TRP D 175 1.35 4.20 -15.17
N SER D 176 1.77 3.06 -15.74
CA SER D 176 1.05 2.52 -16.89
C SER D 176 -0.39 2.15 -16.54
N LYS D 177 -0.65 1.84 -15.27
CA LYS D 177 -1.98 1.42 -14.83
C LYS D 177 -3.04 2.48 -15.08
N GLY D 178 -2.64 3.75 -15.13
CA GLY D 178 -3.54 4.86 -15.38
C GLY D 178 -3.43 5.40 -16.78
N LYS D 179 -2.74 4.71 -17.66
CA LYS D 179 -2.45 5.21 -18.99
C LYS D 179 -2.99 4.36 -20.12
N GLY D 180 -3.33 3.09 -19.88
CA GLY D 180 -3.65 2.11 -20.91
C GLY D 180 -5.13 1.86 -21.13
N HIS D 181 -6.01 2.61 -20.45
CA HIS D 181 -7.45 2.38 -20.56
C HIS D 181 -7.91 2.45 -22.02
N ASP D 182 -8.90 1.63 -22.38
CA ASP D 182 -9.54 1.76 -23.68
C ASP D 182 -9.86 3.22 -23.98
N THR D 183 -9.59 3.64 -25.22
CA THR D 183 -9.87 4.96 -25.78
C THR D 183 -8.93 6.07 -25.29
N PHE D 184 -7.91 5.75 -24.49
CA PHE D 184 -7.10 6.80 -23.88
C PHE D 184 -5.90 7.23 -24.72
N CYS D 185 -5.79 6.82 -25.98
CA CYS D 185 -4.71 7.30 -26.84
C CYS D 185 -5.22 7.67 -28.24
N PRO D 186 -6.04 8.73 -28.33
CA PRO D 186 -6.41 9.25 -29.66
C PRO D 186 -5.18 9.71 -30.42
N VAL D 187 -5.07 9.28 -31.68
CA VAL D 187 -3.92 9.58 -32.51
C VAL D 187 -4.41 9.98 -33.90
N GLY D 188 -3.91 11.09 -34.41
CA GLY D 188 -4.32 11.57 -35.70
C GLY D 188 -4.66 13.05 -35.65
N PRO D 189 -5.20 13.59 -36.75
CA PRO D 189 -5.68 12.85 -37.92
C PRO D 189 -4.63 12.58 -39.02
N TRP D 190 -3.46 13.20 -38.98
CA TRP D 190 -2.52 13.11 -40.09
C TRP D 190 -1.18 12.57 -39.63
N LEU D 191 -0.58 11.75 -40.48
CA LEU D 191 0.85 11.47 -40.42
C LEU D 191 1.56 12.45 -41.35
N VAL D 192 2.43 13.29 -40.80
CA VAL D 192 3.05 14.37 -41.56
C VAL D 192 4.55 14.12 -41.64
N THR D 193 5.07 14.03 -42.86
CA THR D 193 6.47 13.69 -43.06
C THR D 193 7.38 14.83 -42.59
N PRO D 194 8.62 14.52 -42.21
CA PRO D 194 9.50 15.56 -41.64
C PRO D 194 9.76 16.74 -42.57
N ASP D 195 9.75 16.51 -43.89
CA ASP D 195 10.03 17.58 -44.83
C ASP D 195 9.00 18.70 -44.72
N GLU D 196 7.73 18.35 -44.52
CA GLU D 196 6.71 19.36 -44.33
C GLU D 196 6.70 19.92 -42.91
N VAL D 197 7.02 19.11 -41.91
CA VAL D 197 7.00 19.59 -40.54
C VAL D 197 8.10 20.62 -40.31
N GLY D 198 9.26 20.40 -40.91
CA GLY D 198 10.38 21.27 -40.65
C GLY D 198 11.02 20.94 -39.32
N ASP D 199 11.35 21.95 -38.54
CA ASP D 199 11.90 21.73 -37.21
C ASP D 199 10.81 21.18 -36.30
N PRO D 200 10.92 19.94 -35.80
CA PRO D 200 9.91 19.46 -34.85
C PRO D 200 9.94 20.22 -33.53
N GLN D 201 11.01 20.97 -33.25
CA GLN D 201 11.12 21.72 -32.02
C GLN D 201 10.66 23.16 -32.16
N ASP D 202 9.82 23.45 -33.15
CA ASP D 202 9.28 24.79 -33.35
C ASP D 202 7.81 24.70 -33.78
N LEU D 203 6.99 24.07 -32.96
CA LEU D 203 5.57 23.86 -33.25
C LEU D 203 4.73 24.32 -32.07
N ASP D 204 3.65 25.06 -32.35
CA ASP D 204 2.74 25.50 -31.30
C ASP D 204 1.81 24.36 -30.89
N VAL D 205 1.50 24.29 -29.59
CA VAL D 205 0.72 23.22 -28.99
C VAL D 205 -0.40 23.84 -28.15
N HIS D 206 -1.61 23.29 -28.26
CA HIS D 206 -2.73 23.81 -27.45
C HIS D 206 -3.79 22.73 -27.24
N LEU D 207 -4.51 22.86 -26.11
CA LEU D 207 -5.63 21.98 -25.83
C LEU D 207 -6.69 22.75 -25.07
N ASP D 208 -7.95 22.59 -25.49
CA ASP D 208 -9.10 23.22 -24.85
C ASP D 208 -10.05 22.18 -24.29
N VAL D 209 -10.73 22.54 -23.19
CA VAL D 209 -11.80 21.73 -22.61
C VAL D 209 -13.07 22.58 -22.57
N ASN D 210 -14.13 22.10 -23.23
CA ASN D 210 -15.42 22.80 -23.31
C ASN D 210 -15.24 24.23 -23.81
N GLY D 211 -14.37 24.38 -24.81
CA GLY D 211 -14.10 25.69 -25.40
C GLY D 211 -13.12 26.56 -24.62
N GLU D 212 -12.66 26.13 -23.46
CA GLU D 212 -11.75 26.93 -22.64
C GLU D 212 -10.33 26.43 -22.78
N ARG D 213 -9.39 27.36 -23.04
CA ARG D 213 -7.99 27.00 -23.22
C ARG D 213 -7.39 26.48 -21.91
N MET D 214 -6.87 25.25 -21.95
CA MET D 214 -6.24 24.65 -20.78
C MET D 214 -4.72 24.54 -20.90
N GLN D 215 -4.22 24.11 -22.06
CA GLN D 215 -2.79 23.92 -22.27
C GLN D 215 -2.34 24.81 -23.43
N THR D 216 -1.24 25.53 -23.24
CA THR D 216 -0.65 26.35 -24.28
C THR D 216 0.85 26.17 -24.25
N GLY D 217 1.44 25.87 -25.40
CA GLY D 217 2.88 25.73 -25.40
C GLY D 217 3.45 25.61 -26.80
N ASN D 218 4.74 25.25 -26.83
CA ASN D 218 5.49 25.14 -28.07
C ASN D 218 6.59 24.12 -27.82
N THR D 219 6.85 23.26 -28.81
CA THR D 219 7.81 22.18 -28.63
C THR D 219 9.23 22.68 -28.40
N LYS D 220 9.45 23.99 -28.58
CA LYS D 220 10.75 24.59 -28.26
C LYS D 220 11.21 24.30 -26.84
N THR D 221 10.28 24.23 -25.88
CA THR D 221 10.65 24.09 -24.48
C THR D 221 10.79 22.63 -24.05
N MET D 222 10.76 21.69 -24.98
CA MET D 222 10.97 20.29 -24.63
C MET D 222 12.32 20.12 -23.96
N ILE D 223 12.35 19.31 -22.90
CA ILE D 223 13.58 19.15 -22.13
C ILE D 223 14.56 18.25 -22.86
N PHE D 224 14.08 17.10 -23.31
CA PHE D 224 14.78 16.27 -24.30
C PHE D 224 14.03 16.39 -25.60
N ASN D 225 14.70 16.89 -26.64
CA ASN D 225 14.05 17.01 -27.93
C ASN D 225 13.90 15.62 -28.58
N VAL D 226 13.19 15.58 -29.71
CA VAL D 226 12.87 14.32 -30.37
C VAL D 226 14.13 13.51 -30.63
N ALA D 227 15.20 14.18 -31.07
CA ALA D 227 16.43 13.46 -31.38
C ALA D 227 17.06 12.89 -30.12
N GLN D 228 17.05 13.67 -29.03
CA GLN D 228 17.60 13.19 -27.77
C GLN D 228 16.77 12.02 -27.23
N LEU D 229 15.44 12.10 -27.38
CA LEU D 229 14.58 11.02 -26.91
C LEU D 229 14.79 9.74 -27.68
N ILE D 230 14.81 9.82 -29.01
CA ILE D 230 15.00 8.60 -29.81
C ILE D 230 16.33 7.95 -29.45
N SER D 231 17.40 8.76 -29.37
CA SER D 231 18.71 8.24 -29.02
C SER D 231 18.71 7.53 -27.67
N TYR D 232 18.13 8.16 -26.63
CA TYR D 232 18.13 7.58 -25.29
C TYR D 232 17.28 6.32 -25.24
N VAL D 233 16.05 6.40 -25.72
CA VAL D 233 15.14 5.26 -25.68
C VAL D 233 15.75 4.06 -26.38
N SER D 234 16.38 4.29 -27.55
CA SER D 234 16.94 3.20 -28.33
C SER D 234 18.06 2.45 -27.60
N GLU D 235 18.57 2.95 -26.47
CA GLU D 235 19.54 2.17 -25.69
C GLU D 235 18.88 1.20 -24.73
N TYR D 236 17.57 1.30 -24.55
CA TYR D 236 16.83 0.48 -23.60
C TYR D 236 15.77 -0.36 -24.26
N ILE D 237 15.19 0.12 -25.34
CA ILE D 237 14.11 -0.55 -26.06
C ILE D 237 14.29 -0.25 -27.53
N THR D 238 14.37 -1.29 -28.35
CA THR D 238 14.48 -1.11 -29.78
C THR D 238 13.16 -0.60 -30.35
N LEU D 239 13.22 0.46 -31.15
CA LEU D 239 12.04 0.94 -31.84
C LEU D 239 12.05 0.43 -33.28
N TYR D 240 10.95 -0.17 -33.69
CA TYR D 240 10.81 -0.70 -35.03
C TYR D 240 9.93 0.21 -35.88
N PRO D 241 10.06 0.13 -37.20
CA PRO D 241 9.17 0.89 -38.08
C PRO D 241 7.71 0.69 -37.71
N GLY D 242 7.00 1.81 -37.56
CA GLY D 242 5.60 1.82 -37.18
C GLY D 242 5.35 2.10 -35.71
N ASP D 243 6.39 2.01 -34.88
CA ASP D 243 6.22 2.32 -33.46
C ASP D 243 5.94 3.80 -33.26
N LEU D 244 5.22 4.10 -32.19
CA LEU D 244 4.85 5.47 -31.85
C LEU D 244 5.54 5.87 -30.55
N MET D 245 6.15 7.04 -30.54
CA MET D 245 6.69 7.62 -29.31
C MET D 245 5.95 8.92 -29.04
N ILE D 246 5.37 9.05 -27.84
CA ILE D 246 4.65 10.26 -27.46
C ILE D 246 5.51 10.98 -26.43
N THR D 247 5.75 12.27 -26.67
CA THR D 247 6.95 12.91 -26.17
C THR D 247 6.71 13.86 -25.01
N GLY D 248 5.56 13.78 -24.33
CA GLY D 248 5.32 14.61 -23.16
C GLY D 248 4.41 15.77 -23.48
N THR D 249 4.05 16.51 -22.42
CA THR D 249 2.97 17.48 -22.53
C THR D 249 3.36 18.83 -21.93
N PRO D 250 2.90 19.93 -22.52
CA PRO D 250 3.18 21.26 -21.97
C PRO D 250 2.36 21.50 -20.72
N PRO D 251 2.56 22.63 -20.03
CA PRO D 251 1.75 22.95 -18.85
C PRO D 251 0.26 22.96 -19.15
N GLY D 252 -0.53 22.95 -18.08
CA GLY D 252 -1.96 23.12 -18.18
C GLY D 252 -2.81 21.87 -18.01
N VAL D 253 -2.24 20.78 -17.50
CA VAL D 253 -3.05 19.59 -17.25
C VAL D 253 -4.01 19.84 -16.09
N GLY D 254 -5.13 19.13 -16.10
CA GLY D 254 -6.17 19.40 -15.13
C GLY D 254 -5.71 19.24 -13.69
N GLU D 255 -4.91 18.21 -13.42
CA GLU D 255 -4.52 17.94 -12.04
C GLU D 255 -3.64 19.05 -11.48
N GLY D 256 -3.04 19.87 -12.35
CA GLY D 256 -2.21 20.97 -11.94
C GLY D 256 -2.91 22.31 -11.80
N LYS D 257 -4.20 22.39 -12.13
CA LYS D 257 -4.91 23.66 -12.12
C LYS D 257 -5.02 24.22 -10.71
N LYS D 258 -5.01 25.55 -10.62
CA LYS D 258 -5.12 26.28 -9.36
C LYS D 258 -6.29 27.26 -9.43
N PRO D 259 -7.03 27.44 -8.33
CA PRO D 259 -6.77 26.89 -6.99
C PRO D 259 -7.17 25.42 -6.80
N GLN D 260 -8.11 24.91 -7.60
CA GLN D 260 -8.57 23.53 -7.47
C GLN D 260 -8.23 22.72 -8.72
N ALA D 261 -7.81 21.48 -8.52
CA ALA D 261 -7.62 20.58 -9.64
C ALA D 261 -8.93 20.37 -10.39
N ILE D 262 -8.83 20.19 -11.71
CA ILE D 262 -9.99 19.97 -12.57
C ILE D 262 -9.79 18.65 -13.30
N TYR D 263 -10.84 17.84 -13.35
CA TYR D 263 -10.76 16.53 -14.01
C TYR D 263 -11.88 16.40 -15.03
N LEU D 264 -11.72 15.42 -15.91
CA LEU D 264 -12.73 15.14 -16.92
C LEU D 264 -14.00 14.58 -16.28
N LYS D 265 -15.14 14.87 -16.90
CA LYS D 265 -16.41 14.32 -16.50
C LYS D 265 -17.20 13.99 -17.76
N ALA D 266 -18.22 13.14 -17.60
CA ALA D 266 -19.09 12.83 -18.71
C ALA D 266 -19.67 14.13 -19.29
N GLY D 267 -19.62 14.25 -20.62
CA GLY D 267 -20.13 15.41 -21.30
C GLY D 267 -19.08 16.42 -21.72
N ASP D 268 -17.90 16.40 -21.10
CA ASP D 268 -16.82 17.27 -21.50
C ASP D 268 -16.43 17.02 -22.95
N VAL D 269 -15.89 18.06 -23.59
CA VAL D 269 -15.38 17.97 -24.96
C VAL D 269 -13.94 18.48 -24.96
N MET D 270 -13.01 17.65 -25.42
CA MET D 270 -11.63 18.06 -25.56
C MET D 270 -11.34 18.40 -27.02
N GLU D 271 -10.66 19.52 -27.23
CA GLU D 271 -10.20 19.95 -28.54
C GLU D 271 -8.73 20.34 -28.43
N LEU D 272 -7.91 19.83 -29.35
CA LEU D 272 -6.48 20.03 -29.27
C LEU D 272 -5.91 20.11 -30.68
N GLY D 273 -4.74 20.72 -30.79
CA GLY D 273 -4.06 20.78 -32.07
C GLY D 273 -2.58 21.05 -31.88
N ILE D 274 -1.81 20.63 -32.88
CA ILE D 274 -0.41 21.00 -32.95
C ILE D 274 -0.16 21.54 -34.34
N GLU D 275 0.55 22.68 -34.41
CA GLU D 275 0.91 23.34 -35.65
C GLU D 275 1.39 22.34 -36.69
N LYS D 276 0.75 22.36 -37.86
CA LYS D 276 1.00 21.52 -39.02
C LYS D 276 0.44 20.10 -38.88
N LEU D 277 -0.01 19.68 -37.70
CA LEU D 277 -0.44 18.31 -37.51
C LEU D 277 -1.96 18.14 -37.42
N GLY D 278 -2.72 19.21 -37.57
CA GLY D 278 -4.16 19.09 -37.55
C GLY D 278 -4.75 19.26 -36.15
N THR D 279 -5.98 18.78 -36.00
CA THR D 279 -6.77 18.98 -34.79
C THR D 279 -7.53 17.71 -34.43
N GLN D 280 -7.86 17.59 -33.13
CA GLN D 280 -8.67 16.51 -32.61
C GLN D 280 -9.83 17.09 -31.80
N ARG D 281 -10.94 16.36 -31.79
CA ARG D 281 -12.08 16.66 -30.92
C ARG D 281 -12.63 15.36 -30.36
N GLN D 282 -12.69 15.25 -29.03
CA GLN D 282 -13.22 14.06 -28.38
C GLN D 282 -14.33 14.44 -27.42
N GLN D 283 -15.47 13.77 -27.53
CA GLN D 283 -16.49 13.85 -26.50
C GLN D 283 -16.18 12.81 -25.43
N VAL D 284 -16.33 13.21 -24.17
CA VAL D 284 -16.09 12.29 -23.04
C VAL D 284 -17.42 11.70 -22.58
N SER D 285 -17.42 10.40 -22.29
CA SER D 285 -18.61 9.70 -21.82
C SER D 285 -18.31 8.90 -20.56
N GLU D 286 -19.34 8.68 -19.75
CA GLU D 286 -19.20 7.82 -18.59
C GLU D 286 -18.94 6.38 -19.01
N TRP D 287 -18.46 5.58 -18.06
CA TRP D 287 -18.13 4.20 -18.34
C TRP D 287 -19.36 3.39 -18.76
N ARG D 288 -19.16 2.55 -19.77
CA ARG D 288 -20.05 1.44 -20.07
C ARG D 288 -19.16 0.25 -20.44
N HIS D 289 -19.74 -0.94 -20.41
CA HIS D 289 -18.99 -2.11 -20.84
C HIS D 289 -18.94 -2.12 -22.35
N LEU D 290 -17.74 -2.03 -22.91
CA LEU D 290 -17.55 -1.92 -24.34
C LEU D 290 -17.63 -3.26 -25.05
N GLY D 291 -17.98 -4.32 -24.33
CA GLY D 291 -18.32 -5.58 -24.96
C GLY D 291 -17.12 -6.23 -25.62
N ASP D 292 -17.31 -6.66 -26.86
CA ASP D 292 -16.27 -7.33 -27.63
C ASP D 292 -15.57 -6.41 -28.62
N GLU D 293 -15.85 -5.10 -28.57
CA GLU D 293 -15.31 -4.20 -29.58
C GLU D 293 -13.79 -4.12 -29.50
N VAL D 294 -13.16 -4.09 -30.66
CA VAL D 294 -11.72 -3.88 -30.80
C VAL D 294 -11.50 -2.48 -31.32
N PHE D 295 -10.68 -1.69 -30.63
CA PHE D 295 -10.47 -0.30 -31.05
C PHE D 295 -9.21 -0.19 -31.90
N GLY D 296 -8.52 0.94 -31.86
CA GLY D 296 -7.30 1.09 -32.62
C GLY D 296 -7.51 1.65 -34.02
#